data_3M8P
#
_entry.id   3M8P
#
_cell.length_a   118.441
_cell.length_b   153.533
_cell.length_c   154.615
_cell.angle_alpha   90.00
_cell.angle_beta   90.00
_cell.angle_gamma   90.00
#
_symmetry.space_group_name_H-M   'C 2 2 21'
#
loop_
_entity.id
_entity.type
_entity.pdbx_description
1 polymer 'Reverse transcriptase/ribonuclease H'
2 polymer 'p51 RT'
3 non-polymer 4-({6-AMINO-5-BROMO-2-[(4-CYANOPHENYL)AMINO]PYRIMIDIN-4-YL}OXY)-3,5-DIMETHYLBENZONITRILE
4 water water
#
loop_
_entity_poly.entity_id
_entity_poly.type
_entity_poly.pdbx_seq_one_letter_code
_entity_poly.pdbx_strand_id
1 'polypeptide(L)'
;PISPIETVPVKLKPGMDGPKVKQWPLTEEKIKALVEICTEMEKEGKISKIGPENPYNTPVFAIKKKDSTKWRKLVDFREL
NKRTQDFWEVQLGIPHPAGLKKKKSVTVLDVGDAYFSVPLDEDFRKYTAFTIPSINNETPGIRYQYNVLPQGWKGSPAIF
QSSMTKILEPFRKQNPDIVIYQYMDDLYVGSDLEIGQHRTKIEELRQHLLRWGLTTPDKKHQKEPPFLWMGYELHPDKWT
VQPIVLPEKDSWTVNDIQKLVGKLNWASQIYPGIKVRQLCKLLRGTKALTEVIPLTEEAELELAENREILKEPVHGVYYD
PSKDLIAEIQKQGQGQWTYQIYQEPFKNLKTGKYARMRGAHTNDVKQLTEAVQKITTESIVIWGKTPKFKLPIQKETWET
WWTEYWQATWIPEWEFVNTPPLVKLWYQLEKEPIVGAETFYVDGAANRETKLGKAGYVTNRGRQKVVTLTDTTNQKTELQ
AIYLALQDSGLEVNIVTDSQYALGIIQAQPDQSESELVNQIIEQLIKKEKVYLAWVPAHKGIGGNEQVDKLVSAGIRKVL
F
;
A
2 'polypeptide(L)'
;PISPIETVPVKLKPGMDGPKVKQWPLTEEKIKALVEICTEMEKEGKISKIGPENPYNTPVFAIKKKDSTKWRKLVDFREL
NKRTQDFWEVQLGIPHPAGLKKKKSVTVLDVGDAYFSVPLDEDFRKYTAFTIPSINNETPGIRYQYNVLPQGWKGSPAIF
QSSMTKILEPFRKQNPDIVIYQYMDDLYVGSDLEIGQHRTKIEELRQHLLRWGLTTPDKKHQKEPPFLWMGYELHPDKWT
VQPIVLPEKDSWTVNDIQKLVGKLNWASQIYPGIKVRQLCKLLRGTKALTEVIPLTEEAELELAENREILKEPVHGVYYD
PSKDLIAEIQKQGQGQWTYQIYQEPFKNLKTGKYARMRGAHTNDVKQLTEAVQKITTESIVIWGKTPKFKLPIQKETWET
WWTEYWQATWIPEWEFVNTPPLVKLWYQLEKEPIVGAETF
;
B
#
loop_
_chem_comp.id
_chem_comp.type
_chem_comp.name
_chem_comp.formula
65B non-polymer 4-({6-AMINO-5-BROMO-2-[(4-CYANOPHENYL)AMINO]PYRIMIDIN-4-YL}OXY)-3,5-DIMETHYLBENZONITRILE 'C20 H15 Br N6 O'
#
# COMPACT_ATOMS: atom_id res chain seq x y z
N PRO A 1 43.26 9.19 -3.68
CA PRO A 1 43.56 8.11 -4.58
C PRO A 1 42.34 7.91 -5.39
N ILE A 2 42.29 6.80 -6.11
CA ILE A 2 41.18 6.48 -6.99
C ILE A 2 41.11 4.96 -6.94
N SER A 3 40.15 4.51 -6.16
CA SER A 3 39.89 3.14 -5.95
C SER A 3 40.13 2.38 -7.19
N PRO A 4 40.69 1.16 -7.03
CA PRO A 4 40.82 0.13 -8.07
C PRO A 4 39.52 -0.62 -8.40
N ILE A 5 38.54 -0.60 -7.48
CA ILE A 5 37.20 -1.21 -7.67
C ILE A 5 36.71 -1.11 -9.10
N GLU A 6 36.19 -2.19 -9.67
CA GLU A 6 35.76 -2.04 -11.08
C GLU A 6 34.66 -0.93 -11.22
N THR A 7 34.61 -0.28 -12.39
CA THR A 7 33.64 0.76 -12.67
C THR A 7 32.17 0.29 -12.81
N VAL A 8 31.23 1.21 -12.86
CA VAL A 8 29.88 0.85 -13.11
C VAL A 8 29.49 1.41 -14.44
N PRO A 9 28.99 0.59 -15.36
CA PRO A 9 28.66 1.06 -16.68
C PRO A 9 27.58 2.08 -16.63
N VAL A 10 27.53 2.99 -17.54
CA VAL A 10 26.57 3.99 -17.43
C VAL A 10 26.25 4.31 -18.87
N LYS A 11 25.14 5.00 -19.10
CA LYS A 11 24.56 5.14 -20.39
C LYS A 11 23.66 6.34 -20.43
N LEU A 12 23.57 7.00 -21.54
CA LEU A 12 22.63 8.09 -21.58
C LEU A 12 21.22 7.53 -21.74
N LYS A 13 20.24 8.40 -21.61
CA LYS A 13 18.88 7.96 -21.84
C LYS A 13 18.73 7.53 -23.32
N PRO A 14 17.99 6.43 -23.60
CA PRO A 14 17.84 5.83 -24.93
C PRO A 14 17.79 6.76 -26.17
N GLY A 15 16.80 7.66 -26.25
CA GLY A 15 16.75 8.54 -27.46
C GLY A 15 17.67 9.78 -27.49
N MET A 16 18.80 9.73 -26.79
CA MET A 16 19.49 10.96 -26.37
C MET A 16 20.98 10.84 -26.66
N ASP A 17 21.53 11.97 -27.11
CA ASP A 17 22.96 12.13 -27.27
C ASP A 17 23.45 13.05 -26.13
N GLY A 18 24.74 12.93 -25.78
CA GLY A 18 25.36 13.79 -24.74
C GLY A 18 25.34 15.28 -25.00
N PRO A 19 25.63 16.10 -23.99
CA PRO A 19 25.33 17.53 -24.09
C PRO A 19 26.39 18.31 -24.83
N LYS A 20 25.97 19.42 -25.40
CA LYS A 20 26.82 20.23 -26.26
C LYS A 20 26.52 21.65 -25.88
N VAL A 21 26.70 21.96 -24.62
CA VAL A 21 26.40 23.30 -24.10
C VAL A 21 27.60 24.21 -24.34
N LYS A 22 27.32 25.52 -24.47
CA LYS A 22 28.33 26.52 -24.86
C LYS A 22 28.95 27.02 -23.57
N GLN A 23 30.27 27.21 -23.56
CA GLN A 23 30.95 27.74 -22.37
C GLN A 23 30.90 29.24 -22.45
N TRP A 24 30.17 29.82 -21.54
CA TRP A 24 30.05 31.25 -21.49
C TRP A 24 31.43 31.74 -21.13
N PRO A 25 31.83 32.89 -21.73
CA PRO A 25 33.13 33.45 -21.43
C PRO A 25 33.23 33.95 -19.98
N LEU A 26 34.34 33.57 -19.34
CA LEU A 26 34.56 33.84 -17.93
C LEU A 26 35.49 35.01 -17.74
N THR A 27 35.50 35.51 -16.52
CA THR A 27 36.41 36.54 -16.06
C THR A 27 37.84 35.96 -15.77
N GLU A 28 38.88 36.78 -15.65
CA GLU A 28 40.24 36.19 -15.57
C GLU A 28 40.56 35.61 -14.21
N GLU A 29 40.18 36.33 -13.17
CA GLU A 29 40.11 35.78 -11.85
C GLU A 29 39.70 34.33 -11.98
N LYS A 30 38.55 34.10 -12.62
CA LYS A 30 37.93 32.78 -12.63
C LYS A 30 38.70 31.88 -13.55
N ILE A 31 39.06 32.37 -14.72
CA ILE A 31 39.92 31.62 -15.62
C ILE A 31 41.12 31.18 -14.79
N LYS A 32 41.72 32.08 -14.05
CA LYS A 32 42.95 31.74 -13.39
C LYS A 32 42.68 30.66 -12.38
N ALA A 33 41.63 30.81 -11.57
CA ALA A 33 41.30 29.83 -10.50
C ALA A 33 41.01 28.45 -11.06
N LEU A 34 40.41 28.41 -12.24
CA LEU A 34 40.01 27.16 -12.76
C LEU A 34 41.29 26.44 -13.19
N VAL A 35 42.13 27.16 -13.92
CA VAL A 35 43.43 26.63 -14.41
C VAL A 35 44.21 26.01 -13.25
N GLU A 36 44.19 26.76 -12.17
CA GLU A 36 44.82 26.35 -10.95
C GLU A 36 44.21 25.06 -10.37
N ILE A 37 42.89 25.03 -10.21
CA ILE A 37 42.22 23.88 -9.65
C ILE A 37 42.37 22.73 -10.60
N CYS A 38 42.22 23.00 -11.88
CA CYS A 38 42.36 21.94 -12.84
C CYS A 38 43.71 21.25 -12.98
N THR A 39 44.81 22.01 -12.91
CA THR A 39 46.13 21.39 -12.98
C THR A 39 46.26 20.41 -11.84
N GLU A 40 46.08 20.87 -10.61
CA GLU A 40 46.13 20.00 -9.45
C GLU A 40 45.28 18.73 -9.55
N MET A 41 44.08 18.85 -10.08
CA MET A 41 43.23 17.68 -10.27
C MET A 41 43.85 16.83 -11.35
N GLU A 42 44.32 17.47 -12.42
CA GLU A 42 44.96 16.75 -13.49
C GLU A 42 46.12 15.87 -12.96
N LYS A 43 46.95 16.48 -12.10
CA LYS A 43 48.10 15.87 -11.43
C LYS A 43 47.74 14.70 -10.48
N GLU A 44 46.51 14.63 -10.01
CA GLU A 44 46.12 13.47 -9.17
C GLU A 44 45.29 12.48 -9.96
N GLY A 45 45.14 12.67 -11.26
CA GLY A 45 44.46 11.70 -12.08
C GLY A 45 42.95 11.87 -12.13
N LYS A 46 42.43 12.97 -11.57
CA LYS A 46 40.98 13.19 -11.43
C LYS A 46 40.41 13.62 -12.77
N ILE A 47 41.20 14.37 -13.53
CA ILE A 47 40.77 14.77 -14.87
C ILE A 47 41.92 14.57 -15.84
N SER A 48 41.60 14.37 -17.12
CA SER A 48 42.62 14.28 -18.18
C SER A 48 42.31 15.22 -19.29
N LYS A 49 43.35 15.85 -19.81
CA LYS A 49 43.29 16.69 -21.00
C LYS A 49 42.79 15.94 -22.21
N ILE A 50 42.01 16.58 -23.03
CA ILE A 50 41.58 15.94 -24.26
C ILE A 50 41.59 16.91 -25.45
N GLY A 51 41.39 16.40 -26.68
CA GLY A 51 41.41 17.25 -27.91
C GLY A 51 40.11 18.01 -28.24
N PRO A 52 39.88 18.31 -29.54
CA PRO A 52 38.64 19.04 -29.98
C PRO A 52 37.80 18.17 -30.91
N GLU A 53 38.30 16.96 -31.13
CA GLU A 53 37.53 15.84 -31.68
C GLU A 53 36.39 15.39 -30.73
N ASN A 54 36.57 15.52 -29.44
CA ASN A 54 35.55 15.14 -28.49
C ASN A 54 34.66 16.31 -28.62
N PRO A 55 33.41 16.06 -28.97
CA PRO A 55 32.46 17.10 -29.35
C PRO A 55 31.50 17.48 -28.29
N TYR A 56 31.71 16.99 -27.06
CA TYR A 56 30.81 17.26 -25.91
C TYR A 56 31.32 18.34 -24.94
N ASN A 57 30.40 19.07 -24.33
CA ASN A 57 30.81 20.14 -23.49
C ASN A 57 29.79 20.44 -22.45
N THR A 58 30.30 20.88 -21.30
CA THR A 58 29.48 21.39 -20.22
C THR A 58 30.11 22.68 -19.69
N PRO A 59 29.32 23.45 -19.00
CA PRO A 59 29.90 24.67 -18.46
C PRO A 59 30.52 24.52 -17.11
N VAL A 60 31.46 25.41 -16.84
CA VAL A 60 32.31 25.41 -15.68
C VAL A 60 32.19 26.79 -15.18
N PHE A 61 32.24 26.98 -13.88
CA PHE A 61 32.13 28.29 -13.26
C PHE A 61 33.04 28.22 -12.03
N ALA A 62 33.28 29.33 -11.36
CA ALA A 62 34.01 29.29 -10.10
C ALA A 62 33.41 30.35 -9.20
N ILE A 63 33.20 29.95 -7.94
CA ILE A 63 32.66 30.83 -6.93
C ILE A 63 33.69 30.87 -5.80
N LYS A 64 33.74 31.98 -5.05
CA LYS A 64 34.63 32.12 -3.85
C LYS A 64 34.03 31.43 -2.57
N THR A 69 37.60 33.48 2.11
CA THR A 69 37.31 32.17 1.52
C THR A 69 38.42 31.98 0.46
N LYS A 70 38.25 30.92 -0.34
CA LYS A 70 39.06 30.61 -1.52
C LYS A 70 38.28 29.80 -2.58
N TRP A 71 38.82 29.77 -3.81
CA TRP A 71 38.10 29.34 -5.04
C TRP A 71 37.64 27.89 -5.08
N ARG A 72 36.53 27.68 -5.80
CA ARG A 72 35.84 26.38 -5.95
C ARG A 72 35.33 26.20 -7.40
N LYS A 73 35.52 25.01 -7.94
CA LYS A 73 35.00 24.68 -9.24
C LYS A 73 33.55 24.31 -9.12
N LEU A 74 32.66 24.94 -9.90
CA LEU A 74 31.25 24.56 -9.96
C LEU A 74 30.93 24.13 -11.36
N VAL A 75 30.67 22.87 -11.60
CA VAL A 75 30.21 22.52 -12.93
C VAL A 75 28.70 22.33 -12.95
N ASP A 76 28.14 22.61 -14.10
CA ASP A 76 26.71 22.58 -14.22
C ASP A 76 26.29 21.40 -15.10
N PHE A 77 25.88 20.32 -14.45
CA PHE A 77 25.52 19.12 -15.17
C PHE A 77 24.04 19.07 -15.42
N ARG A 78 23.40 20.24 -15.48
CA ARG A 78 21.98 20.27 -15.73
C ARG A 78 21.64 19.53 -16.95
N GLU A 79 22.25 19.85 -18.08
CA GLU A 79 22.04 19.02 -19.30
C GLU A 79 22.47 17.57 -19.24
N LEU A 80 23.66 17.26 -18.79
CA LEU A 80 24.07 15.89 -18.81
C LEU A 80 23.16 15.07 -17.88
N ASN A 81 22.81 15.59 -16.70
CA ASN A 81 21.84 14.91 -15.78
C ASN A 81 20.45 14.62 -16.45
N LYS A 82 19.78 15.66 -16.94
CA LYS A 82 18.59 15.54 -17.77
C LYS A 82 18.82 14.53 -18.91
N ARG A 83 20.07 14.32 -19.29
CA ARG A 83 20.33 13.40 -20.38
C ARG A 83 20.90 12.08 -19.98
N THR A 84 20.99 11.76 -18.70
CA THR A 84 21.68 10.50 -18.31
C THR A 84 20.73 9.50 -17.70
N GLN A 85 21.03 8.23 -17.85
CA GLN A 85 20.16 7.20 -17.38
C GLN A 85 19.62 7.42 -15.98
N ASP A 86 18.47 6.84 -15.65
CA ASP A 86 18.01 6.92 -14.26
C ASP A 86 18.80 5.88 -13.52
N PHE A 87 18.75 5.95 -12.18
CA PHE A 87 19.42 4.95 -11.30
C PHE A 87 18.55 4.58 -10.17
N TRP A 88 18.97 3.54 -9.47
CA TRP A 88 18.28 3.09 -8.32
C TRP A 88 18.40 4.03 -7.13
N GLU A 89 17.35 4.24 -6.38
CA GLU A 89 17.54 5.15 -5.24
C GLU A 89 18.59 4.58 -4.31
N VAL A 90 19.47 5.49 -3.82
CA VAL A 90 20.53 5.17 -2.80
C VAL A 90 19.89 4.38 -1.64
N GLN A 91 19.49 5.11 -0.59
CA GLN A 91 18.78 4.44 0.50
C GLN A 91 17.24 4.66 0.53
N LEU A 92 16.58 3.55 0.84
CA LEU A 92 15.14 3.44 0.82
C LEU A 92 14.58 4.02 2.13
N GLY A 93 15.43 4.23 3.15
CA GLY A 93 15.03 4.91 4.36
C GLY A 93 16.20 5.17 5.30
N ILE A 94 15.90 5.62 6.52
CA ILE A 94 16.90 6.07 7.43
C ILE A 94 16.57 5.37 8.70
N PRO A 95 17.58 4.79 9.36
CA PRO A 95 17.35 3.98 10.51
C PRO A 95 16.78 4.82 11.62
N HIS A 96 16.06 4.20 12.54
CA HIS A 96 15.50 4.91 13.65
C HIS A 96 16.19 4.52 14.92
N PRO A 97 16.50 5.50 15.74
CA PRO A 97 17.28 5.13 16.93
C PRO A 97 16.67 3.96 17.77
N ALA A 98 15.34 3.97 17.93
CA ALA A 98 14.58 2.90 18.57
C ALA A 98 14.93 1.56 18.03
N GLY A 99 15.44 1.53 16.81
CA GLY A 99 15.68 0.22 16.15
C GLY A 99 17.09 -0.23 16.35
N LEU A 100 17.90 0.64 16.93
CA LEU A 100 19.32 0.40 17.01
C LEU A 100 19.58 -0.43 18.29
N LYS A 101 20.67 -1.21 18.30
CA LYS A 101 21.08 -1.96 19.45
C LYS A 101 22.10 -1.08 20.22
N LYS A 102 22.24 -1.26 21.54
CA LYS A 102 23.20 -0.41 22.29
C LYS A 102 24.62 -0.84 21.98
N LYS A 103 25.54 0.12 22.17
CA LYS A 103 26.98 -0.04 21.85
C LYS A 103 27.86 0.60 22.95
N LYS A 104 28.99 -0.06 23.22
CA LYS A 104 29.89 0.36 24.30
C LYS A 104 30.72 1.51 23.77
N SER A 105 31.19 1.38 22.54
CA SER A 105 31.95 2.48 21.95
C SER A 105 31.70 2.63 20.43
N VAL A 106 31.74 3.88 19.98
CA VAL A 106 31.39 4.18 18.61
C VAL A 106 32.37 5.17 18.03
N THR A 107 32.54 5.14 16.72
CA THR A 107 33.49 6.00 16.02
C THR A 107 32.92 6.33 14.66
N VAL A 108 33.01 7.61 14.32
CA VAL A 108 32.45 8.19 13.14
C VAL A 108 33.60 8.64 12.29
N LEU A 109 33.80 7.93 11.19
CA LEU A 109 34.82 8.26 10.17
C LEU A 109 34.22 8.93 8.97
N ASP A 110 34.99 9.83 8.36
CA ASP A 110 34.55 10.64 7.27
C ASP A 110 35.50 10.34 6.11
N VAL A 111 34.96 9.96 4.94
CA VAL A 111 35.75 9.70 3.79
C VAL A 111 36.09 10.98 3.03
N GLY A 112 37.38 11.18 2.73
CA GLY A 112 37.85 12.37 2.06
C GLY A 112 37.84 12.32 0.54
N ASP A 113 37.50 13.47 -0.01
CA ASP A 113 37.19 13.64 -1.44
C ASP A 113 36.57 12.40 -2.02
N ALA A 114 35.36 12.07 -1.53
CA ALA A 114 34.74 10.76 -1.72
C ALA A 114 34.51 10.40 -3.21
N TYR A 115 33.84 11.29 -3.94
CA TYR A 115 33.49 11.03 -5.31
C TYR A 115 34.75 10.97 -6.12
N PHE A 116 35.63 11.91 -5.85
CA PHE A 116 36.84 12.04 -6.67
C PHE A 116 37.71 10.81 -6.51
N SER A 117 37.47 10.04 -5.45
CA SER A 117 38.09 8.77 -5.24
C SER A 117 37.48 7.55 -5.88
N VAL A 118 36.55 7.67 -6.82
CA VAL A 118 35.91 6.46 -7.41
C VAL A 118 35.85 6.63 -8.92
N PRO A 119 36.26 5.65 -9.65
CA PRO A 119 36.39 5.86 -11.10
C PRO A 119 35.10 5.88 -11.81
N LEU A 120 35.06 6.65 -12.90
CA LEU A 120 33.94 6.76 -13.79
C LEU A 120 34.07 5.80 -14.98
N ASP A 121 33.01 5.11 -15.35
CA ASP A 121 33.04 4.20 -16.54
C ASP A 121 33.78 4.86 -17.68
N GLU A 122 34.89 4.27 -18.10
CA GLU A 122 35.65 4.83 -19.23
C GLU A 122 34.76 5.32 -20.37
N ASP A 123 33.86 4.45 -20.79
CA ASP A 123 32.90 4.74 -21.88
C ASP A 123 32.05 6.01 -21.66
N PHE A 124 31.94 6.43 -20.41
CA PHE A 124 31.07 7.52 -20.12
C PHE A 124 31.84 8.82 -19.99
N ARG A 125 33.14 8.70 -19.79
CA ARG A 125 33.97 9.87 -19.45
C ARG A 125 33.89 10.90 -20.45
N LYS A 126 33.87 10.48 -21.72
CA LYS A 126 33.74 11.39 -22.83
C LYS A 126 32.72 12.46 -22.58
N TYR A 127 31.54 12.09 -22.12
CA TYR A 127 30.41 13.05 -22.01
C TYR A 127 30.56 14.09 -20.93
N THR A 128 31.58 13.92 -20.08
CA THR A 128 31.80 14.88 -19.02
C THR A 128 32.73 15.98 -19.44
N ALA A 129 33.08 16.04 -20.72
CA ALA A 129 34.11 17.00 -21.17
C ALA A 129 33.66 18.38 -20.83
N PHE A 130 34.57 19.23 -20.36
CA PHE A 130 34.26 20.66 -20.10
C PHE A 130 35.46 21.56 -20.59
N THR A 131 35.32 22.89 -20.53
CA THR A 131 36.27 23.74 -21.23
C THR A 131 36.66 24.96 -20.39
N ILE A 132 37.96 25.16 -20.17
CA ILE A 132 38.36 26.41 -19.52
C ILE A 132 38.57 27.43 -20.68
N PRO A 133 37.76 28.50 -20.70
CA PRO A 133 37.86 29.46 -21.77
C PRO A 133 39.05 30.34 -21.58
N SER A 134 39.64 30.76 -22.70
CA SER A 134 40.72 31.75 -22.79
C SER A 134 40.26 33.22 -22.61
N ILE A 135 41.19 34.10 -22.29
CA ILE A 135 40.76 35.39 -21.84
C ILE A 135 40.05 36.08 -23.03
N ASN A 136 38.78 36.43 -22.81
CA ASN A 136 37.82 36.96 -23.81
C ASN A 136 37.49 36.04 -25.01
N ASN A 137 37.65 34.72 -24.81
CA ASN A 137 37.33 33.69 -25.82
C ASN A 137 37.98 33.88 -27.22
N GLU A 138 39.13 34.57 -27.23
CA GLU A 138 39.91 34.69 -28.45
C GLU A 138 40.32 33.28 -28.94
N THR A 139 41.07 32.56 -28.11
CA THR A 139 41.63 31.30 -28.55
C THR A 139 41.03 30.07 -27.92
N PRO A 140 41.27 28.90 -28.54
CA PRO A 140 40.80 27.64 -28.02
C PRO A 140 41.05 27.46 -26.51
N GLY A 141 40.03 27.04 -25.76
CA GLY A 141 40.17 26.64 -24.36
C GLY A 141 40.95 25.37 -24.13
N ILE A 142 41.18 25.11 -22.86
CA ILE A 142 41.83 23.85 -22.45
C ILE A 142 40.67 22.91 -22.16
N ARG A 143 40.75 21.68 -22.69
CA ARG A 143 39.69 20.65 -22.54
C ARG A 143 40.19 19.50 -21.73
N TYR A 144 39.33 19.20 -20.78
CA TYR A 144 39.49 18.12 -19.86
C TYR A 144 38.16 17.40 -19.78
N GLN A 145 38.22 16.16 -19.32
CA GLN A 145 37.09 15.36 -19.00
C GLN A 145 37.42 14.55 -17.71
N TYR A 146 36.38 14.02 -17.06
CA TYR A 146 36.54 13.27 -15.79
C TYR A 146 36.88 11.79 -15.88
N ASN A 147 37.69 11.39 -14.95
CA ASN A 147 38.14 10.04 -14.86
C ASN A 147 37.48 9.48 -13.60
N VAL A 148 36.80 10.34 -12.84
CA VAL A 148 36.16 9.93 -11.63
C VAL A 148 34.79 10.57 -11.50
N LEU A 149 34.03 10.13 -10.51
CA LEU A 149 32.73 10.73 -10.15
C LEU A 149 32.63 12.28 -9.99
N PRO A 150 32.00 12.97 -10.93
CA PRO A 150 31.98 14.41 -10.74
C PRO A 150 30.91 14.87 -9.77
N GLN A 151 31.07 16.08 -9.27
CA GLN A 151 30.28 16.58 -8.17
C GLN A 151 29.07 17.23 -8.82
N GLY A 152 27.87 16.84 -8.41
CA GLY A 152 26.66 17.34 -9.10
C GLY A 152 26.16 16.48 -10.24
N TRP A 153 26.77 15.34 -10.47
CA TRP A 153 26.30 14.56 -11.57
C TRP A 153 25.34 13.63 -10.92
N LYS A 154 24.37 13.20 -11.70
CA LYS A 154 23.17 12.49 -11.27
C LYS A 154 23.51 11.13 -10.70
N GLY A 155 24.60 10.53 -11.24
CA GLY A 155 25.02 9.13 -10.95
C GLY A 155 25.99 8.98 -9.76
N SER A 156 26.55 10.11 -9.27
CA SER A 156 27.66 10.06 -8.33
C SER A 156 27.24 9.42 -7.05
N PRO A 157 26.18 9.99 -6.41
CA PRO A 157 25.60 9.41 -5.15
C PRO A 157 25.43 7.91 -5.12
N ALA A 158 24.70 7.40 -6.12
CA ALA A 158 24.38 6.00 -6.21
C ALA A 158 25.66 5.18 -6.32
N ILE A 159 26.45 5.45 -7.39
CA ILE A 159 27.72 4.73 -7.71
C ILE A 159 28.72 4.78 -6.56
N PHE A 160 28.82 5.91 -5.90
CA PHE A 160 29.63 5.90 -4.73
C PHE A 160 29.18 4.83 -3.68
N GLN A 161 27.89 4.58 -3.59
CA GLN A 161 27.42 3.92 -2.43
C GLN A 161 27.58 2.52 -2.73
N SER A 162 27.29 2.12 -3.95
CA SER A 162 27.52 0.76 -4.34
C SER A 162 28.99 0.43 -4.16
N SER A 163 29.83 1.34 -4.60
CA SER A 163 31.24 1.07 -4.59
C SER A 163 31.57 0.78 -3.14
N MET A 164 31.26 1.72 -2.26
CA MET A 164 31.56 1.60 -0.86
C MET A 164 30.97 0.31 -0.22
N THR A 165 29.83 -0.14 -0.72
CA THR A 165 29.23 -1.31 -0.15
C THR A 165 30.04 -2.51 -0.55
N LYS A 166 30.51 -2.53 -1.79
CA LYS A 166 31.30 -3.66 -2.34
C LYS A 166 32.63 -3.78 -1.60
N ILE A 167 33.20 -2.63 -1.32
CA ILE A 167 34.44 -2.49 -0.63
C ILE A 167 34.31 -2.89 0.81
N LEU A 168 33.13 -2.73 1.39
CA LEU A 168 32.99 -3.08 2.80
C LEU A 168 32.66 -4.58 2.93
N GLU A 169 32.10 -5.15 1.88
CA GLU A 169 31.49 -6.46 1.94
C GLU A 169 32.39 -7.35 2.69
N PRO A 170 33.64 -7.47 2.24
CA PRO A 170 34.49 -8.45 2.87
C PRO A 170 34.72 -8.14 4.33
N PHE A 171 35.05 -6.89 4.63
CA PHE A 171 35.39 -6.53 5.99
C PHE A 171 34.27 -6.89 7.02
N ARG A 172 33.01 -6.77 6.64
CA ARG A 172 31.85 -7.09 7.47
C ARG A 172 31.84 -8.57 7.69
N LYS A 173 31.82 -9.37 6.62
CA LYS A 173 31.99 -10.83 6.75
C LYS A 173 33.08 -11.14 7.78
N GLN A 174 34.26 -10.57 7.57
CA GLN A 174 35.41 -10.84 8.45
C GLN A 174 35.22 -10.35 9.90
N ASN A 175 34.31 -9.39 10.14
CA ASN A 175 34.12 -8.82 11.47
C ASN A 175 32.68 -8.76 11.94
N PRO A 176 32.06 -9.94 12.13
CA PRO A 176 30.60 -9.95 12.32
C PRO A 176 30.19 -9.20 13.59
N ASP A 177 31.09 -9.11 14.56
CA ASP A 177 30.82 -8.44 15.82
C ASP A 177 30.42 -7.01 15.63
N ILE A 178 31.37 -6.26 15.06
CA ILE A 178 31.28 -4.83 14.67
C ILE A 178 30.16 -4.44 13.71
N VAL A 179 29.72 -3.18 13.78
CA VAL A 179 28.68 -2.69 12.86
C VAL A 179 28.95 -1.34 12.21
N ILE A 180 28.45 -1.18 10.99
CA ILE A 180 28.86 -0.04 10.22
C ILE A 180 27.68 0.48 9.54
N TYR A 181 27.44 1.77 9.59
CA TYR A 181 26.35 2.33 8.90
C TYR A 181 26.96 3.39 7.94
N GLN A 182 26.68 3.20 6.67
CA GLN A 182 27.16 3.97 5.56
C GLN A 182 26.09 5.03 5.20
N TYR A 183 26.40 6.31 5.39
CA TYR A 183 25.58 7.31 4.81
C TYR A 183 26.45 8.37 4.22
N MET A 184 26.30 8.58 2.92
CA MET A 184 27.05 9.54 2.14
C MET A 184 28.59 9.34 2.29
N ASP A 185 29.34 10.41 2.55
CA ASP A 185 30.77 10.34 2.76
C ASP A 185 31.06 9.72 4.13
N ASP A 186 30.06 9.43 4.93
CA ASP A 186 30.34 9.12 6.35
C ASP A 186 30.17 7.65 6.50
N LEU A 187 30.92 7.12 7.45
CA LEU A 187 30.76 5.76 8.00
C LEU A 187 30.61 5.91 9.50
N TYR A 188 29.70 5.14 10.06
CA TYR A 188 29.39 5.24 11.45
C TYR A 188 29.62 3.91 11.99
N VAL A 189 30.66 3.74 12.81
CA VAL A 189 31.06 2.42 13.33
C VAL A 189 30.86 2.19 14.82
N GLY A 190 30.43 1.01 15.18
CA GLY A 190 30.18 0.72 16.56
C GLY A 190 30.40 -0.74 16.88
N SER A 191 30.68 -0.96 18.17
CA SER A 191 30.96 -2.27 18.75
C SER A 191 30.77 -2.20 20.24
N ASP A 192 30.66 -3.40 20.81
CA ASP A 192 30.74 -3.55 22.27
C ASP A 192 32.13 -4.11 22.63
N LEU A 193 33.17 -3.50 22.06
CA LEU A 193 34.54 -3.80 22.38
C LEU A 193 34.96 -2.64 23.27
N GLU A 194 36.06 -2.83 24.00
CA GLU A 194 36.53 -1.87 25.00
C GLU A 194 37.56 -0.96 24.29
N ILE A 195 37.71 0.27 24.75
CA ILE A 195 38.13 1.37 23.88
C ILE A 195 39.39 1.09 23.08
N GLY A 196 40.28 0.26 23.58
CA GLY A 196 41.53 -0.05 22.87
C GLY A 196 41.45 -1.21 21.90
N GLN A 197 40.69 -2.23 22.24
CA GLN A 197 40.45 -3.36 21.33
C GLN A 197 39.61 -2.93 20.11
N HIS A 198 38.80 -1.86 20.33
CA HIS A 198 37.93 -1.18 19.31
C HIS A 198 38.82 -0.41 18.38
N ARG A 199 39.56 0.53 18.98
CA ARG A 199 40.43 1.41 18.26
C ARG A 199 41.33 0.65 17.33
N THR A 200 41.65 -0.58 17.65
CA THR A 200 42.50 -1.34 16.77
C THR A 200 41.70 -1.75 15.57
N LYS A 201 40.51 -2.30 15.85
CA LYS A 201 39.60 -2.75 14.77
C LYS A 201 39.17 -1.60 13.82
N ILE A 202 39.16 -0.37 14.33
CA ILE A 202 38.97 0.78 13.49
C ILE A 202 40.09 0.78 12.51
N GLU A 203 41.30 0.60 13.03
CA GLU A 203 42.44 0.64 12.13
C GLU A 203 42.40 -0.39 11.09
N GLU A 204 42.03 -1.61 11.42
CA GLU A 204 42.03 -2.59 10.34
C GLU A 204 41.14 -2.12 9.22
N LEU A 205 40.02 -1.49 9.57
CA LEU A 205 39.13 -0.85 8.61
C LEU A 205 39.84 0.30 7.86
N ARG A 206 40.36 1.31 8.57
CA ARG A 206 40.98 2.43 7.84
C ARG A 206 42.01 1.98 6.78
N GLN A 207 42.83 1.01 7.17
CA GLN A 207 43.81 0.41 6.25
C GLN A 207 43.02 -0.30 5.15
N HIS A 208 41.98 -1.01 5.58
CA HIS A 208 41.18 -1.70 4.62
C HIS A 208 40.63 -0.75 3.57
N LEU A 209 40.21 0.43 4.03
CA LEU A 209 39.70 1.41 3.08
C LEU A 209 40.78 1.98 2.22
N LEU A 210 41.90 2.41 2.80
CA LEU A 210 43.06 2.70 1.95
C LEU A 210 43.42 1.63 0.93
N ARG A 211 43.37 0.36 1.30
CA ARG A 211 43.74 -0.65 0.32
C ARG A 211 42.89 -0.53 -0.94
N TRP A 212 41.85 0.29 -0.85
CA TRP A 212 40.86 0.42 -1.90
C TRP A 212 40.61 1.84 -2.35
N GLY A 213 41.46 2.75 -1.96
CA GLY A 213 41.50 4.07 -2.59
C GLY A 213 40.83 5.14 -1.81
N LEU A 214 40.47 4.78 -0.57
CA LEU A 214 39.67 5.63 0.29
C LEU A 214 40.37 5.98 1.57
N THR A 215 40.61 7.26 1.64
CA THR A 215 41.34 7.84 2.73
C THR A 215 40.40 8.42 3.78
N THR A 216 40.85 8.52 5.02
CA THR A 216 40.02 8.94 6.13
C THR A 216 40.87 9.81 7.09
N PRO A 217 40.29 10.42 8.15
CA PRO A 217 41.20 11.29 8.98
C PRO A 217 41.95 10.47 10.07
N ASP A 218 43.07 10.99 10.63
CA ASP A 218 44.04 10.19 11.49
C ASP A 218 43.53 9.82 12.93
N LYS A 219 44.24 8.85 13.56
CA LYS A 219 43.82 8.10 14.79
C LYS A 219 43.37 8.94 16.00
N LYS A 220 43.60 10.26 15.99
CA LYS A 220 43.06 11.14 17.04
C LYS A 220 42.42 12.45 16.46
N HIS A 221 41.66 12.31 15.35
CA HIS A 221 40.78 13.38 14.77
C HIS A 221 39.31 12.90 14.62
N GLN A 222 38.81 12.22 15.69
CA GLN A 222 37.55 11.42 15.71
C GLN A 222 36.78 11.63 17.06
N LYS A 223 35.43 11.74 16.99
CA LYS A 223 34.55 12.20 18.12
C LYS A 223 34.44 11.24 19.33
N GLU A 224 33.86 11.75 20.43
CA GLU A 224 33.49 10.97 21.65
C GLU A 224 32.01 11.35 22.10
N PRO A 225 31.24 10.46 22.82
CA PRO A 225 29.81 10.71 23.10
C PRO A 225 29.48 11.98 23.84
N PRO A 226 28.26 12.46 23.69
CA PRO A 226 27.19 12.01 22.84
C PRO A 226 27.25 12.42 21.33
N PHE A 227 27.07 11.46 20.43
CA PHE A 227 26.99 11.73 18.97
C PHE A 227 25.73 12.42 18.47
N LEU A 228 25.87 13.39 17.61
CA LEU A 228 24.73 14.08 17.04
C LEU A 228 24.52 13.55 15.64
N TRP A 229 23.36 12.99 15.38
CA TRP A 229 23.19 12.17 14.20
C TRP A 229 21.78 12.31 13.66
N MET A 230 21.63 12.89 12.49
CA MET A 230 20.32 12.95 11.83
C MET A 230 19.15 13.55 12.72
N GLY A 231 19.47 14.63 13.45
CA GLY A 231 18.60 15.20 14.46
C GLY A 231 18.46 14.38 15.73
N TYR A 232 19.27 13.39 15.97
CA TYR A 232 19.15 12.69 17.26
C TYR A 232 20.41 12.90 18.11
N GLU A 233 20.31 12.60 19.38
CA GLU A 233 21.45 12.73 20.23
C GLU A 233 21.69 11.36 20.76
N LEU A 234 22.68 10.69 20.23
CA LEU A 234 22.87 9.29 20.51
C LEU A 234 23.97 9.08 21.54
N HIS A 235 23.64 8.28 22.56
CA HIS A 235 24.52 7.90 23.68
C HIS A 235 24.61 6.38 23.68
N PRO A 236 25.52 5.81 24.48
CA PRO A 236 25.78 4.41 24.22
C PRO A 236 24.62 3.51 24.49
N ASP A 237 23.88 3.82 25.53
CA ASP A 237 22.81 2.97 26.00
C ASP A 237 21.46 3.76 26.07
N LYS A 238 21.39 4.87 25.32
CA LYS A 238 20.20 5.65 25.22
C LYS A 238 20.28 6.65 24.02
N TRP A 239 19.22 7.47 23.84
CA TRP A 239 19.04 8.37 22.67
C TRP A 239 17.94 9.33 22.94
N THR A 240 17.90 10.46 22.24
CA THR A 240 16.80 11.39 22.39
C THR A 240 16.93 12.33 21.21
N VAL A 241 16.29 13.47 21.18
CA VAL A 241 16.32 14.23 19.98
C VAL A 241 17.18 15.43 20.26
N GLN A 242 17.91 15.89 19.25
CA GLN A 242 18.78 17.06 19.41
C GLN A 242 17.94 18.13 20.07
N PRO A 243 18.59 19.02 20.80
CA PRO A 243 17.80 19.78 21.75
C PRO A 243 16.79 20.79 21.15
N ILE A 244 15.55 20.73 21.65
CA ILE A 244 14.45 21.50 21.14
C ILE A 244 14.26 22.72 22.00
N VAL A 245 14.40 23.91 21.41
CA VAL A 245 13.97 25.13 22.11
C VAL A 245 12.74 25.80 21.48
N LEU A 246 11.66 25.85 22.26
CA LEU A 246 10.47 26.54 21.80
C LEU A 246 10.57 27.99 22.13
N PRO A 247 10.61 28.83 21.10
CA PRO A 247 10.78 30.28 21.31
C PRO A 247 9.73 30.93 22.20
N GLU A 248 10.13 31.91 23.00
CA GLU A 248 9.17 32.86 23.63
C GLU A 248 8.97 34.03 22.67
N LYS A 249 7.74 34.16 22.19
CA LYS A 249 7.38 35.14 21.20
C LYS A 249 6.07 35.74 21.58
N ASP A 250 6.04 37.05 21.60
CA ASP A 250 4.81 37.84 21.76
C ASP A 250 4.00 37.95 20.47
N SER A 251 4.64 37.67 19.34
CA SER A 251 4.00 37.74 18.03
C SER A 251 4.51 36.53 17.23
N TRP A 252 3.59 35.70 16.73
CA TRP A 252 3.83 34.47 15.91
C TRP A 252 3.52 34.67 14.45
N THR A 253 4.53 34.55 13.58
CA THR A 253 4.27 34.54 12.14
C THR A 253 3.92 33.11 11.69
N VAL A 254 3.30 33.05 10.51
CA VAL A 254 3.03 31.76 9.89
C VAL A 254 4.30 30.89 9.93
N ASN A 255 5.38 31.45 9.42
CA ASN A 255 6.66 30.77 9.43
C ASN A 255 7.07 30.25 10.85
N ASP A 256 6.91 31.11 11.84
CA ASP A 256 7.19 30.73 13.23
C ASP A 256 6.35 29.53 13.69
N ILE A 257 5.04 29.57 13.40
CA ILE A 257 4.19 28.43 13.69
C ILE A 257 4.55 27.20 12.84
N GLN A 258 4.70 27.39 11.53
CA GLN A 258 5.24 26.31 10.73
C GLN A 258 6.50 25.62 11.39
N LYS A 259 7.53 26.39 11.72
CA LYS A 259 8.74 25.77 12.25
C LYS A 259 8.48 25.12 13.58
N LEU A 260 7.59 25.66 14.38
CA LEU A 260 7.28 25.12 15.71
C LEU A 260 6.61 23.79 15.62
N VAL A 261 5.58 23.71 14.78
CA VAL A 261 4.91 22.44 14.58
C VAL A 261 5.94 21.39 14.16
N GLY A 262 6.84 21.80 13.26
CA GLY A 262 8.00 20.95 12.90
C GLY A 262 8.83 20.35 14.07
N LYS A 263 9.19 21.22 14.97
CA LYS A 263 9.97 20.86 16.11
C LYS A 263 9.18 20.03 17.05
N LEU A 264 7.95 20.42 17.30
CA LEU A 264 7.09 19.62 18.18
C LEU A 264 6.90 18.27 17.62
N ASN A 265 6.52 18.25 16.34
CA ASN A 265 6.37 17.03 15.62
C ASN A 265 7.62 16.11 15.74
N TRP A 266 8.79 16.68 15.50
CA TRP A 266 10.03 15.93 15.60
C TRP A 266 10.17 15.44 17.02
N ALA A 267 9.76 16.30 17.95
CA ALA A 267 9.90 16.04 19.39
C ALA A 267 9.07 14.86 19.82
N SER A 268 7.94 14.67 19.13
CA SER A 268 7.02 13.64 19.53
C SER A 268 7.55 12.24 19.34
N GLN A 269 8.75 12.03 18.80
CA GLN A 269 9.28 10.69 18.69
C GLN A 269 9.71 10.11 20.01
N ILE A 270 9.83 10.97 21.03
CA ILE A 270 10.21 10.46 22.32
C ILE A 270 9.49 11.11 23.52
N TYR A 271 9.09 12.36 23.41
CA TYR A 271 8.32 13.04 24.41
C TYR A 271 6.79 12.74 24.30
N PRO A 272 6.19 12.02 25.29
CA PRO A 272 4.82 11.52 25.11
C PRO A 272 3.84 12.62 25.18
N GLY A 273 2.74 12.52 24.48
CA GLY A 273 1.67 13.47 24.67
C GLY A 273 1.80 14.88 24.12
N ILE A 274 2.82 15.10 23.32
CA ILE A 274 2.92 16.34 22.48
C ILE A 274 1.64 16.41 21.66
N LYS A 275 1.09 17.60 21.48
CA LYS A 275 -0.08 17.75 20.69
C LYS A 275 0.21 18.95 19.88
N VAL A 276 -0.35 18.95 18.68
CA VAL A 276 -0.04 19.97 17.69
C VAL A 276 -1.29 20.47 16.92
N ARG A 277 -2.46 19.97 17.31
CA ARG A 277 -3.69 20.16 16.54
C ARG A 277 -4.13 21.57 16.46
N GLN A 278 -4.18 22.22 17.61
CA GLN A 278 -4.73 23.55 17.74
C GLN A 278 -3.78 24.54 17.18
N LEU A 279 -2.52 24.18 17.15
CA LEU A 279 -1.52 24.96 16.51
C LEU A 279 -1.69 24.83 14.99
N CYS A 280 -1.99 23.62 14.49
CA CYS A 280 -2.15 23.42 13.05
C CYS A 280 -3.37 24.09 12.54
N LYS A 281 -4.50 24.04 13.24
CA LYS A 281 -5.66 24.87 12.87
C LYS A 281 -5.33 26.33 12.52
N LEU A 282 -4.36 26.93 13.20
CA LEU A 282 -4.01 28.30 12.87
C LEU A 282 -3.51 28.39 11.46
N LEU A 283 -2.98 27.31 10.92
CA LEU A 283 -2.35 27.39 9.62
C LEU A 283 -3.33 27.34 8.39
N ARG A 284 -4.61 27.02 8.64
CA ARG A 284 -5.65 26.93 7.59
C ARG A 284 -6.00 28.34 7.18
N GLY A 285 -6.24 28.54 5.89
CA GLY A 285 -6.31 29.88 5.30
C GLY A 285 -4.90 30.24 4.82
N THR A 286 -4.74 30.37 3.51
CA THR A 286 -3.44 30.78 2.90
C THR A 286 -3.10 32.23 3.29
N LYS A 287 -2.11 32.37 4.17
CA LYS A 287 -1.68 33.64 4.69
C LYS A 287 -0.18 33.80 4.28
N ALA A 288 0.36 35.04 4.24
CA ALA A 288 1.80 35.24 3.94
C ALA A 288 2.63 34.55 5.03
N LEU A 289 3.87 34.13 4.69
CA LEU A 289 4.78 33.50 5.71
C LEU A 289 5.15 34.47 6.90
N THR A 290 5.07 35.76 6.62
CA THR A 290 5.32 36.83 7.55
C THR A 290 4.07 37.34 8.32
N GLU A 291 2.90 37.03 7.83
CA GLU A 291 1.70 37.34 8.56
C GLU A 291 1.69 36.78 10.00
N VAL A 292 1.35 37.66 10.93
CA VAL A 292 1.25 37.28 12.34
C VAL A 292 -0.11 36.66 12.66
N ILE A 293 -0.07 35.47 13.25
CA ILE A 293 -1.34 34.90 13.66
C ILE A 293 -1.53 34.99 15.18
N PRO A 294 -2.58 35.74 15.58
CA PRO A 294 -3.07 35.70 16.95
C PRO A 294 -3.30 34.29 17.44
N LEU A 295 -2.76 33.96 18.59
CA LEU A 295 -3.05 32.68 19.17
C LEU A 295 -4.45 32.66 19.76
N THR A 296 -5.17 31.56 19.56
CA THR A 296 -6.45 31.34 20.20
C THR A 296 -6.14 30.86 21.59
N GLU A 297 -7.17 30.75 22.42
CA GLU A 297 -6.99 30.25 23.82
C GLU A 297 -6.55 28.80 23.71
N GLU A 298 -7.13 28.04 22.79
CA GLU A 298 -6.90 26.59 22.77
C GLU A 298 -5.49 26.26 22.25
N ALA A 299 -5.01 27.06 21.31
CA ALA A 299 -3.65 26.95 20.83
C ALA A 299 -2.72 27.30 21.96
N GLU A 300 -3.09 28.29 22.77
CA GLU A 300 -2.24 28.74 23.87
C GLU A 300 -2.21 27.74 24.98
N LEU A 301 -3.41 27.22 25.23
CA LEU A 301 -3.62 26.03 26.07
C LEU A 301 -2.72 24.91 25.64
N GLU A 302 -2.67 24.66 24.36
CA GLU A 302 -1.80 23.60 23.85
C GLU A 302 -0.30 23.88 23.96
N LEU A 303 0.06 25.09 23.69
CA LEU A 303 1.47 25.46 23.66
C LEU A 303 2.11 25.31 25.03
N ALA A 304 1.39 25.61 26.10
CA ALA A 304 1.93 25.42 27.44
C ALA A 304 2.02 23.97 27.83
N GLU A 305 1.09 23.15 27.39
CA GLU A 305 1.08 21.72 27.81
C GLU A 305 2.31 21.01 27.21
N ASN A 306 2.70 21.49 26.02
CA ASN A 306 3.86 21.06 25.28
C ASN A 306 5.10 21.51 25.98
N ARG A 307 5.10 22.76 26.43
CA ARG A 307 6.24 23.26 27.25
C ARG A 307 6.45 22.48 28.53
N GLU A 308 5.38 22.06 29.22
CA GLU A 308 5.55 21.23 30.39
C GLU A 308 6.27 19.95 30.04
N ILE A 309 5.90 19.37 28.91
CA ILE A 309 6.36 18.05 28.58
C ILE A 309 7.82 18.14 28.25
N LEU A 310 8.23 19.32 27.79
CA LEU A 310 9.54 19.47 27.26
C LEU A 310 10.55 19.95 28.30
N LYS A 311 10.07 20.72 29.32
CA LYS A 311 10.90 21.38 30.38
C LYS A 311 12.10 20.53 30.92
N GLU A 312 11.76 19.29 31.32
CA GLU A 312 12.72 18.32 31.82
C GLU A 312 12.96 17.38 30.67
N PRO A 313 14.22 17.02 30.40
CA PRO A 313 14.57 16.08 29.33
C PRO A 313 14.07 14.67 29.48
N VAL A 314 13.76 14.05 28.34
CA VAL A 314 13.34 12.66 28.19
C VAL A 314 14.25 11.95 27.19
N HIS A 315 14.56 10.69 27.47
CA HIS A 315 15.46 9.88 26.63
C HIS A 315 14.75 8.59 26.24
N GLY A 316 15.26 7.84 25.28
CA GLY A 316 14.69 6.54 24.93
C GLY A 316 15.76 5.47 24.95
N VAL A 317 15.32 4.21 24.92
CA VAL A 317 16.14 3.04 25.19
C VAL A 317 16.33 2.37 23.82
N TYR A 318 17.21 1.38 23.73
CA TYR A 318 17.57 0.84 22.41
C TYR A 318 16.93 -0.54 22.32
N TYR A 319 17.08 -1.28 21.26
CA TYR A 319 16.23 -2.39 21.09
C TYR A 319 16.96 -3.62 21.49
N ASP A 320 16.24 -4.56 22.07
CA ASP A 320 16.80 -5.80 22.53
C ASP A 320 16.12 -6.93 21.86
N PRO A 321 16.78 -7.58 20.94
CA PRO A 321 16.00 -8.45 20.01
C PRO A 321 15.48 -9.70 20.62
N SER A 322 15.88 -9.97 21.85
CA SER A 322 15.37 -11.08 22.62
C SER A 322 13.96 -10.85 23.18
N LYS A 323 13.67 -9.68 23.76
CA LYS A 323 12.34 -9.35 24.27
C LYS A 323 11.28 -8.86 23.24
N ASP A 324 10.00 -8.86 23.70
CA ASP A 324 8.87 -8.42 22.85
C ASP A 324 8.67 -6.93 23.02
N LEU A 325 8.14 -6.33 21.97
CA LEU A 325 7.64 -4.97 21.94
C LEU A 325 6.18 -4.93 22.42
N ILE A 326 5.86 -3.97 23.26
CA ILE A 326 4.51 -3.80 23.73
C ILE A 326 4.15 -2.42 23.27
N ALA A 327 2.96 -2.19 22.74
CA ALA A 327 2.68 -0.87 22.24
C ALA A 327 1.40 -0.45 22.86
N GLU A 328 1.38 0.68 23.55
CA GLU A 328 0.20 1.22 24.15
C GLU A 328 -0.31 2.42 23.43
N ILE A 329 -1.63 2.55 23.28
CA ILE A 329 -2.22 3.73 22.69
C ILE A 329 -3.17 4.40 23.67
N GLN A 330 -3.26 5.71 23.65
CA GLN A 330 -4.24 6.45 24.49
C GLN A 330 -4.94 7.44 23.62
N LYS A 331 -6.21 7.73 23.95
CA LYS A 331 -6.96 8.78 23.23
C LYS A 331 -6.71 10.09 23.96
N GLN A 332 -6.16 11.10 23.32
CA GLN A 332 -5.77 12.24 24.09
C GLN A 332 -6.74 13.40 23.78
N GLY A 333 -7.74 13.15 22.93
CA GLY A 333 -8.73 14.17 22.60
C GLY A 333 -9.45 13.72 21.37
N GLN A 334 -10.16 14.64 20.72
CA GLN A 334 -10.94 14.28 19.51
C GLN A 334 -9.89 14.18 18.46
N GLY A 335 -9.88 13.01 17.82
CA GLY A 335 -9.06 12.74 16.68
C GLY A 335 -7.61 12.63 17.05
N GLN A 336 -7.30 12.69 18.33
CA GLN A 336 -5.95 12.66 18.77
C GLN A 336 -5.63 11.44 19.58
N TRP A 337 -4.65 10.68 19.09
CA TRP A 337 -4.16 9.47 19.67
C TRP A 337 -2.65 9.58 19.91
N THR A 338 -2.15 9.00 21.01
CA THR A 338 -0.73 9.04 21.35
C THR A 338 -0.32 7.63 21.74
N TYR A 339 0.89 7.22 21.42
CA TYR A 339 1.32 5.86 21.71
C TYR A 339 2.76 5.88 22.19
N GLN A 340 3.15 4.80 22.86
CA GLN A 340 4.50 4.61 23.35
C GLN A 340 4.81 3.22 23.18
N ILE A 341 6.04 2.91 22.82
CA ILE A 341 6.40 1.50 22.54
C ILE A 341 7.58 1.18 23.34
N TYR A 342 7.53 0.07 24.04
CA TYR A 342 8.52 -0.27 24.99
C TYR A 342 8.70 -1.77 25.06
N GLN A 343 9.69 -2.24 25.84
CA GLN A 343 9.93 -3.67 25.99
C GLN A 343 9.89 -4.14 27.45
N GLU A 344 10.51 -3.33 28.34
CA GLU A 344 10.37 -3.36 29.82
C GLU A 344 9.55 -2.11 30.18
N PRO A 345 8.56 -2.29 31.11
CA PRO A 345 7.66 -1.22 31.49
C PRO A 345 8.25 0.06 31.94
N PHE A 346 7.71 0.99 31.16
CA PHE A 346 7.98 2.39 30.84
C PHE A 346 9.37 2.81 30.42
N LYS A 347 10.23 1.88 30.06
CA LYS A 347 11.50 2.23 29.40
C LYS A 347 11.16 2.28 27.91
N ASN A 348 10.80 3.47 27.45
CA ASN A 348 10.25 3.70 26.13
C ASN A 348 11.31 3.61 25.08
N LEU A 349 11.01 2.88 24.01
CA LEU A 349 11.90 2.72 22.84
C LEU A 349 11.60 3.89 21.95
N LYS A 350 10.32 4.13 21.72
CA LYS A 350 9.89 5.40 21.11
C LYS A 350 8.46 5.74 21.45
N THR A 351 8.05 6.89 20.99
CA THR A 351 6.82 7.48 21.32
C THR A 351 6.26 8.00 20.06
N GLY A 352 5.00 8.39 20.06
CA GLY A 352 4.47 9.06 18.86
C GLY A 352 3.01 9.43 18.90
N LYS A 353 2.55 10.01 17.80
CA LYS A 353 1.17 10.34 17.72
C LYS A 353 0.56 10.03 16.33
N TYR A 354 -0.77 9.89 16.30
CA TYR A 354 -1.59 9.68 15.11
C TYR A 354 -2.81 10.61 15.29
N ALA A 355 -3.24 11.26 14.21
CA ALA A 355 -4.35 12.14 14.32
C ALA A 355 -4.80 12.25 12.94
N ARG A 356 -5.45 11.25 12.37
CA ARG A 356 -5.78 11.39 10.97
C ARG A 356 -7.21 11.04 10.70
N MET A 357 -7.97 11.99 10.18
CA MET A 357 -9.29 11.68 9.59
C MET A 357 -9.19 10.99 8.19
N ARG A 358 -9.52 9.71 8.15
CA ARG A 358 -9.77 9.03 6.86
C ARG A 358 -11.26 9.10 6.45
N GLY A 359 -11.50 9.84 5.36
CA GLY A 359 -12.85 10.17 4.96
C GLY A 359 -13.47 11.31 5.78
N ALA A 360 -14.80 11.35 5.70
CA ALA A 360 -15.56 12.50 6.12
C ALA A 360 -16.08 12.32 7.54
N HIS A 361 -16.51 11.09 7.86
CA HIS A 361 -17.00 10.78 9.18
C HIS A 361 -16.39 9.52 9.65
N THR A 362 -16.34 9.37 10.95
CA THR A 362 -15.59 8.28 11.51
C THR A 362 -15.97 8.16 12.97
N ASN A 363 -15.61 7.04 13.58
CA ASN A 363 -15.83 6.77 14.96
C ASN A 363 -14.56 6.33 15.73
N ASP A 364 -14.52 6.50 17.05
CA ASP A 364 -13.38 6.08 17.84
C ASP A 364 -12.89 4.66 17.52
N VAL A 365 -13.80 3.72 17.33
CA VAL A 365 -13.35 2.38 17.17
C VAL A 365 -12.53 2.25 15.87
N LYS A 366 -13.06 2.77 14.77
CA LYS A 366 -12.34 2.85 13.46
C LYS A 366 -11.00 3.55 13.61
N GLN A 367 -10.98 4.64 14.34
CA GLN A 367 -9.77 5.38 14.50
C GLN A 367 -8.72 4.59 15.23
N LEU A 368 -9.16 3.86 16.21
CA LEU A 368 -8.21 3.12 17.00
C LEU A 368 -7.51 2.12 16.07
N THR A 369 -8.28 1.51 15.19
CA THR A 369 -7.79 0.48 14.31
C THR A 369 -6.83 1.04 13.28
N GLU A 370 -7.12 2.25 12.84
CA GLU A 370 -6.26 2.94 11.92
C GLU A 370 -4.95 3.21 12.60
N ALA A 371 -5.01 3.73 13.80
CA ALA A 371 -3.85 3.92 14.63
C ALA A 371 -3.06 2.60 14.81
N VAL A 372 -3.74 1.49 15.08
CA VAL A 372 -3.01 0.23 15.26
C VAL A 372 -2.32 -0.12 13.97
N GLN A 373 -3.00 0.09 12.88
CA GLN A 373 -2.41 -0.29 11.63
C GLN A 373 -1.14 0.49 11.30
N LYS A 374 -1.14 1.80 11.59
CA LYS A 374 -0.02 2.69 11.40
C LYS A 374 1.20 2.25 12.23
N ILE A 375 0.98 2.01 13.51
CA ILE A 375 2.04 1.47 14.39
C ILE A 375 2.50 0.06 13.98
N THR A 376 1.60 -0.73 13.45
CA THR A 376 2.04 -2.04 13.02
C THR A 376 3.04 -1.98 11.86
N THR A 377 2.75 -1.13 10.87
CA THR A 377 3.66 -1.00 9.74
C THR A 377 4.95 -0.37 10.22
N GLU A 378 4.82 0.64 11.02
CA GLU A 378 5.97 1.29 11.53
C GLU A 378 6.87 0.29 12.24
N SER A 379 6.32 -0.64 13.01
CA SER A 379 7.19 -1.63 13.72
C SER A 379 7.87 -2.60 12.80
N ILE A 380 7.16 -2.99 11.74
CA ILE A 380 7.82 -3.85 10.75
C ILE A 380 9.04 -3.15 10.20
N VAL A 381 8.93 -1.85 9.99
CA VAL A 381 10.03 -1.18 9.45
C VAL A 381 11.18 -1.14 10.46
N ILE A 382 10.96 -0.64 11.65
CA ILE A 382 12.02 -0.46 12.64
C ILE A 382 12.53 -1.78 13.27
N TRP A 383 11.64 -2.69 13.64
CA TRP A 383 12.11 -3.91 14.34
C TRP A 383 11.93 -5.27 13.57
N GLY A 384 11.25 -5.24 12.43
CA GLY A 384 10.97 -6.42 11.69
C GLY A 384 9.92 -7.26 12.34
N LYS A 385 9.35 -6.78 13.43
CA LYS A 385 8.28 -7.51 14.05
C LYS A 385 7.19 -6.61 14.62
N THR A 386 5.99 -7.12 14.67
CA THR A 386 4.88 -6.38 15.17
C THR A 386 4.76 -6.61 16.68
N PRO A 387 4.20 -5.62 17.37
CA PRO A 387 4.07 -5.65 18.77
C PRO A 387 2.82 -6.27 19.27
N LYS A 388 2.76 -6.30 20.58
CA LYS A 388 1.58 -6.64 21.26
C LYS A 388 1.09 -5.28 21.68
N PHE A 389 -0.20 -5.04 21.46
CA PHE A 389 -0.86 -3.82 21.83
C PHE A 389 -1.58 -3.96 23.12
N LYS A 390 -1.84 -2.78 23.69
CA LYS A 390 -2.46 -2.61 24.96
C LYS A 390 -3.35 -1.41 24.68
N LEU A 391 -4.61 -1.73 24.39
CA LEU A 391 -5.60 -0.79 23.86
C LEU A 391 -6.66 -0.48 24.90
N PRO A 392 -7.17 0.75 24.90
CA PRO A 392 -8.20 1.22 25.77
C PRO A 392 -9.60 0.99 25.20
N ILE A 393 -9.93 -0.25 24.88
CA ILE A 393 -11.23 -0.58 24.35
C ILE A 393 -11.54 -1.93 24.89
N GLN A 394 -12.80 -2.20 25.19
CA GLN A 394 -13.12 -3.47 25.83
C GLN A 394 -13.10 -4.56 24.80
N LYS A 395 -12.71 -5.77 25.11
CA LYS A 395 -12.74 -6.77 24.03
C LYS A 395 -14.11 -6.88 23.43
N GLU A 396 -15.09 -6.61 24.23
CA GLU A 396 -16.48 -6.81 23.88
C GLU A 396 -16.96 -5.65 23.05
N THR A 397 -16.43 -4.47 23.27
CA THR A 397 -16.76 -3.36 22.37
C THR A 397 -16.20 -3.66 21.00
N TRP A 398 -14.98 -4.19 20.98
CA TRP A 398 -14.31 -4.49 19.74
C TRP A 398 -15.00 -5.61 18.98
N GLU A 399 -15.48 -6.60 19.72
CA GLU A 399 -16.16 -7.78 19.17
C GLU A 399 -17.48 -7.36 18.51
N THR A 400 -18.21 -6.54 19.24
CA THR A 400 -19.49 -6.04 18.75
C THR A 400 -19.30 -5.31 17.42
N TRP A 401 -18.27 -4.47 17.34
CA TRP A 401 -18.05 -3.63 16.18
C TRP A 401 -17.64 -4.42 14.95
N TRP A 402 -16.60 -5.25 15.06
CA TRP A 402 -16.06 -5.98 13.92
C TRP A 402 -17.04 -6.93 13.26
N THR A 403 -17.91 -7.58 14.03
CA THR A 403 -18.73 -8.63 13.48
C THR A 403 -19.84 -7.94 12.67
N GLU A 404 -20.52 -7.00 13.32
CA GLU A 404 -21.55 -6.22 12.67
C GLU A 404 -21.09 -5.16 11.64
N TYR A 405 -19.81 -4.81 11.54
CA TYR A 405 -19.34 -3.87 10.49
C TYR A 405 -19.02 -4.58 9.21
N TRP A 406 -19.23 -3.97 8.06
CA TRP A 406 -19.01 -4.66 6.76
C TRP A 406 -17.61 -4.63 6.15
N GLN A 407 -16.70 -3.88 6.71
CA GLN A 407 -15.36 -3.84 6.22
C GLN A 407 -14.61 -4.96 6.95
N ALA A 408 -13.59 -5.58 6.34
CA ALA A 408 -12.79 -6.54 7.12
C ALA A 408 -11.82 -5.70 7.94
N THR A 409 -11.65 -6.04 9.21
CA THR A 409 -10.84 -5.24 10.15
C THR A 409 -10.18 -6.38 10.87
N TRP A 410 -8.89 -6.28 11.15
CA TRP A 410 -8.23 -7.28 12.04
C TRP A 410 -7.05 -6.72 12.73
N ILE A 411 -7.05 -6.79 14.04
CA ILE A 411 -5.89 -6.37 14.73
C ILE A 411 -5.21 -7.57 15.45
N PRO A 412 -3.87 -7.57 15.50
CA PRO A 412 -3.10 -8.63 16.15
C PRO A 412 -3.09 -8.62 17.68
N GLU A 413 -2.44 -9.63 18.27
CA GLU A 413 -2.36 -9.81 19.73
C GLU A 413 -2.57 -8.55 20.54
N TRP A 414 -3.69 -8.47 21.27
CA TRP A 414 -3.91 -7.35 22.18
C TRP A 414 -4.68 -7.63 23.44
N GLU A 415 -4.68 -6.60 24.27
CA GLU A 415 -5.28 -6.61 25.52
C GLU A 415 -5.85 -5.26 25.82
N PHE A 416 -6.93 -5.30 26.60
CA PHE A 416 -7.54 -4.13 27.18
C PHE A 416 -6.74 -3.60 28.31
N VAL A 417 -6.44 -2.33 28.28
CA VAL A 417 -5.85 -1.69 29.43
C VAL A 417 -6.78 -0.58 29.80
N ASN A 418 -7.01 -0.43 31.09
CA ASN A 418 -8.01 0.52 31.48
C ASN A 418 -7.42 1.90 31.68
N THR A 419 -7.18 2.64 30.63
CA THR A 419 -6.51 3.95 30.70
C THR A 419 -7.41 4.98 30.00
N PRO A 420 -8.29 5.62 30.77
CA PRO A 420 -9.37 6.38 30.18
C PRO A 420 -8.90 7.60 29.55
N PRO A 421 -9.62 8.07 28.53
CA PRO A 421 -10.95 7.70 28.02
C PRO A 421 -11.01 6.41 27.27
N LEU A 422 -12.07 5.67 27.47
CA LEU A 422 -12.21 4.37 26.90
C LEU A 422 -12.83 4.56 25.52
N VAL A 423 -12.46 3.68 24.60
CA VAL A 423 -13.10 3.65 23.31
C VAL A 423 -14.40 2.89 23.46
N LYS A 424 -15.47 3.54 22.99
CA LYS A 424 -16.84 2.98 23.00
C LYS A 424 -17.59 3.54 21.83
N LEU A 425 -18.50 2.72 21.29
CA LEU A 425 -19.48 3.16 20.29
C LEU A 425 -20.52 3.84 21.10
N TRP A 426 -20.98 5.02 20.69
CA TRP A 426 -21.89 5.83 21.54
C TRP A 426 -23.42 5.59 21.33
N TYR A 427 -23.80 4.90 20.26
CA TYR A 427 -25.18 4.50 19.99
C TYR A 427 -25.07 3.31 19.14
N GLN A 428 -26.10 2.47 19.14
CA GLN A 428 -26.14 1.36 18.21
C GLN A 428 -27.50 1.39 17.58
N LEU A 429 -27.62 1.27 16.27
CA LEU A 429 -28.91 1.15 15.63
C LEU A 429 -29.56 -0.23 15.79
N GLU A 430 -30.86 -0.23 15.88
CA GLU A 430 -31.56 -1.47 15.94
C GLU A 430 -31.47 -2.24 14.65
N LYS A 431 -31.73 -3.53 14.80
CA LYS A 431 -31.54 -4.53 13.78
C LYS A 431 -32.88 -4.88 13.16
N GLU A 432 -33.93 -4.59 13.94
CA GLU A 432 -35.31 -4.87 13.59
C GLU A 432 -36.12 -3.63 13.97
N PRO A 433 -37.21 -3.37 13.22
CA PRO A 433 -38.06 -2.29 13.52
C PRO A 433 -38.75 -2.42 14.90
N ILE A 434 -39.04 -1.25 15.46
CA ILE A 434 -39.49 -1.04 16.82
C ILE A 434 -41.04 -0.92 16.89
N VAL A 435 -41.68 -1.75 17.73
CA VAL A 435 -43.13 -1.67 17.78
C VAL A 435 -43.51 -0.58 18.75
N GLY A 436 -44.60 0.11 18.46
CA GLY A 436 -44.98 1.29 19.26
C GLY A 436 -44.04 2.49 19.21
N ALA A 437 -43.23 2.50 18.15
CA ALA A 437 -42.42 3.64 17.79
C ALA A 437 -43.09 4.19 16.52
N GLU A 438 -43.07 5.51 16.41
CA GLU A 438 -43.60 6.21 15.26
C GLU A 438 -42.65 5.88 14.09
N THR A 439 -43.18 5.78 12.88
CA THR A 439 -42.41 5.66 11.66
C THR A 439 -42.40 6.94 10.77
N PHE A 440 -41.22 7.55 10.68
CA PHE A 440 -41.05 8.69 9.86
C PHE A 440 -40.53 8.35 8.50
N TYR A 441 -41.39 8.39 7.48
CA TYR A 441 -40.91 8.35 6.10
C TYR A 441 -40.36 9.73 5.84
N VAL A 442 -39.07 9.84 5.53
CA VAL A 442 -38.43 11.12 5.29
C VAL A 442 -38.00 11.30 3.86
N ASP A 443 -37.87 12.55 3.41
CA ASP A 443 -37.37 12.84 2.06
C ASP A 443 -36.83 14.25 1.98
N GLY A 444 -36.16 14.49 0.85
CA GLY A 444 -35.50 15.75 0.51
C GLY A 444 -35.44 15.90 -1.03
N ALA A 445 -35.86 17.07 -1.48
CA ALA A 445 -35.67 17.53 -2.86
C ALA A 445 -34.80 18.81 -2.83
N ALA A 446 -34.18 19.10 -3.97
CA ALA A 446 -33.40 20.30 -4.15
C ALA A 446 -33.42 20.66 -5.64
N ASN A 447 -33.94 21.83 -6.00
CA ASN A 447 -33.73 22.35 -7.34
C ASN A 447 -32.23 22.55 -7.61
N ARG A 448 -31.78 22.02 -8.73
CA ARG A 448 -30.37 21.93 -9.02
C ARG A 448 -29.90 23.31 -9.45
N GLU A 449 -30.90 24.17 -9.75
CA GLU A 449 -30.71 25.45 -10.44
C GLU A 449 -31.00 26.69 -9.58
N THR A 450 -32.08 26.64 -8.82
CA THR A 450 -32.33 27.65 -7.80
C THR A 450 -31.52 27.32 -6.55
N LYS A 451 -31.16 26.04 -6.37
CA LYS A 451 -30.54 25.53 -5.14
C LYS A 451 -31.40 25.68 -3.86
N LEU A 452 -32.63 26.10 -3.97
CA LEU A 452 -33.51 25.95 -2.85
C LEU A 452 -33.73 24.46 -2.73
N GLY A 453 -34.04 24.03 -1.51
CA GLY A 453 -34.50 22.68 -1.22
C GLY A 453 -35.72 22.64 -0.33
N LYS A 454 -36.19 21.42 -0.12
CA LYS A 454 -37.28 21.15 0.78
C LYS A 454 -36.96 19.85 1.56
N ALA A 455 -37.02 19.90 2.87
CA ALA A 455 -36.80 18.72 3.68
C ALA A 455 -38.05 18.44 4.48
N GLY A 456 -38.52 17.19 4.45
CA GLY A 456 -39.80 16.88 5.08
C GLY A 456 -39.93 15.46 5.57
N TYR A 457 -41.11 15.16 6.12
CA TYR A 457 -41.44 13.81 6.53
C TYR A 457 -42.92 13.67 6.62
N VAL A 458 -43.37 12.42 6.67
CA VAL A 458 -44.76 12.04 6.88
C VAL A 458 -44.68 10.92 7.90
N THR A 459 -45.71 10.68 8.70
CA THR A 459 -45.67 9.55 9.62
C THR A 459 -46.92 8.64 9.61
N ASN A 460 -46.79 7.52 10.28
CA ASN A 460 -47.85 6.58 10.30
C ASN A 460 -48.84 6.93 11.42
N ARG A 461 -48.49 7.95 12.21
CA ARG A 461 -49.36 8.50 13.19
C ARG A 461 -49.95 9.82 12.65
N GLY A 462 -49.74 10.11 11.39
CA GLY A 462 -50.36 11.30 10.81
C GLY A 462 -49.56 12.60 10.66
N ARG A 463 -48.57 12.84 11.51
CA ARG A 463 -47.73 14.03 11.35
C ARG A 463 -47.08 14.28 9.97
N GLN A 464 -46.93 15.56 9.64
CA GLN A 464 -46.28 16.00 8.43
C GLN A 464 -45.66 17.35 8.70
N LYS A 465 -44.36 17.46 8.49
CA LYS A 465 -43.68 18.76 8.53
C LYS A 465 -42.88 18.82 7.25
N VAL A 466 -42.68 20.03 6.74
CA VAL A 466 -41.97 20.22 5.48
C VAL A 466 -41.29 21.60 5.45
N VAL A 467 -40.03 21.63 5.85
CA VAL A 467 -39.29 22.87 5.97
C VAL A 467 -38.71 23.21 4.64
N THR A 468 -38.10 24.40 4.59
CA THR A 468 -37.63 25.02 3.38
C THR A 468 -36.23 25.40 3.71
N LEU A 469 -35.36 25.06 2.79
CA LEU A 469 -33.97 25.29 3.00
C LEU A 469 -33.56 26.08 1.83
N THR A 470 -32.35 26.59 1.90
CA THR A 470 -31.82 27.51 0.93
C THR A 470 -30.39 27.11 0.75
N ASP A 471 -29.87 27.47 -0.42
CA ASP A 471 -28.65 26.93 -1.01
C ASP A 471 -28.13 25.60 -0.41
N THR A 472 -28.70 24.49 -0.89
CA THR A 472 -28.26 23.15 -0.55
C THR A 472 -28.50 22.16 -1.72
N THR A 473 -27.91 20.96 -1.57
CA THR A 473 -27.89 19.95 -2.59
C THR A 473 -28.91 18.90 -2.20
N ASN A 474 -29.12 17.91 -3.08
CA ASN A 474 -29.96 16.74 -2.77
C ASN A 474 -29.49 15.96 -1.57
N GLN A 475 -28.17 15.87 -1.45
CA GLN A 475 -27.58 15.17 -0.34
C GLN A 475 -27.91 15.85 0.96
N LYS A 476 -27.62 17.13 1.05
CA LYS A 476 -27.93 17.84 2.27
C LYS A 476 -29.39 17.70 2.62
N THR A 477 -30.29 17.88 1.66
CA THR A 477 -31.73 17.76 2.03
C THR A 477 -32.12 16.42 2.68
N GLU A 478 -31.70 15.28 2.12
CA GLU A 478 -32.13 13.95 2.58
C GLU A 478 -31.53 13.73 3.99
N LEU A 479 -30.59 14.60 4.35
CA LEU A 479 -29.93 14.56 5.66
C LEU A 479 -30.61 15.50 6.60
N GLN A 480 -31.02 16.64 6.09
CA GLN A 480 -31.83 17.56 6.84
C GLN A 480 -33.15 16.81 7.18
N ALA A 481 -33.72 16.09 6.22
CA ALA A 481 -34.91 15.30 6.50
C ALA A 481 -34.75 14.29 7.60
N ILE A 482 -33.56 13.74 7.81
CA ILE A 482 -33.39 12.79 8.92
C ILE A 482 -33.24 13.55 10.22
N TYR A 483 -32.45 14.61 10.21
CA TYR A 483 -32.28 15.45 11.39
C TYR A 483 -33.63 15.81 11.93
N LEU A 484 -34.59 16.01 11.02
CA LEU A 484 -35.92 16.47 11.41
C LEU A 484 -36.66 15.35 12.06
N ALA A 485 -36.68 14.16 11.49
CA ALA A 485 -37.37 13.09 12.12
C ALA A 485 -36.81 12.90 13.52
N LEU A 486 -35.52 13.04 13.69
CA LEU A 486 -34.97 12.79 15.00
C LEU A 486 -35.26 13.89 15.97
N GLN A 487 -35.42 15.11 15.51
CA GLN A 487 -35.81 16.20 16.42
C GLN A 487 -37.26 16.05 16.88
N ASP A 488 -38.19 15.95 15.93
CA ASP A 488 -39.58 16.00 16.28
C ASP A 488 -40.02 14.69 16.98
N SER A 489 -39.18 13.69 17.01
CA SER A 489 -39.59 12.34 17.37
C SER A 489 -39.37 12.06 18.85
N GLY A 490 -39.81 10.88 19.30
CA GLY A 490 -39.66 10.42 20.66
C GLY A 490 -38.44 9.55 20.91
N LEU A 491 -38.41 8.87 22.03
CA LEU A 491 -37.22 8.14 22.40
C LEU A 491 -37.00 6.91 21.58
N GLU A 492 -38.01 6.40 20.95
CA GLU A 492 -37.77 5.31 20.09
C GLU A 492 -38.35 5.68 18.72
N VAL A 493 -37.62 5.49 17.62
CA VAL A 493 -38.15 5.86 16.29
C VAL A 493 -37.75 4.95 15.09
N ASN A 494 -38.62 4.75 14.15
CA ASN A 494 -38.24 4.07 12.99
C ASN A 494 -38.16 5.14 11.89
N ILE A 495 -37.17 5.10 10.99
CA ILE A 495 -37.03 6.17 10.02
C ILE A 495 -36.75 5.57 8.68
N VAL A 496 -37.53 5.89 7.68
CA VAL A 496 -37.41 5.24 6.43
C VAL A 496 -36.89 6.25 5.45
N THR A 497 -35.94 5.89 4.59
CA THR A 497 -35.36 6.85 3.62
C THR A 497 -35.10 6.22 2.27
N ASP A 498 -35.00 7.05 1.22
CA ASP A 498 -34.64 6.56 -0.12
C ASP A 498 -33.19 6.83 -0.46
N SER A 499 -32.49 7.57 0.39
CA SER A 499 -31.05 7.84 0.13
C SER A 499 -30.11 6.70 0.60
N GLN A 500 -29.44 6.01 -0.33
CA GLN A 500 -28.36 5.13 0.14
C GLN A 500 -27.20 5.82 0.89
N TYR A 501 -26.94 7.07 0.52
CA TYR A 501 -25.84 7.89 1.04
C TYR A 501 -26.00 8.18 2.50
N ALA A 502 -27.21 8.60 2.85
CA ALA A 502 -27.53 8.92 4.20
C ALA A 502 -27.42 7.69 5.07
N LEU A 503 -28.01 6.61 4.59
CA LEU A 503 -27.96 5.28 5.25
C LEU A 503 -26.55 4.89 5.54
N GLY A 504 -25.73 5.06 4.49
CA GLY A 504 -24.28 4.78 4.56
C GLY A 504 -23.69 5.44 5.80
N ILE A 505 -23.77 6.76 5.77
CA ILE A 505 -23.11 7.50 6.81
C ILE A 505 -23.46 6.95 8.15
N ILE A 506 -24.77 6.84 8.34
CA ILE A 506 -25.36 6.59 9.62
C ILE A 506 -25.20 5.17 10.00
N GLN A 507 -25.37 4.24 9.08
CA GLN A 507 -25.13 2.84 9.40
C GLN A 507 -23.76 2.59 9.96
N ALA A 508 -22.76 3.34 9.48
CA ALA A 508 -21.41 3.24 10.03
C ALA A 508 -21.19 3.72 11.48
N GLN A 509 -22.22 4.06 12.23
CA GLN A 509 -22.06 4.57 13.59
C GLN A 509 -21.09 5.76 13.83
N PRO A 510 -21.16 6.79 13.00
CA PRO A 510 -20.18 7.82 13.22
C PRO A 510 -20.28 8.39 14.56
N ASP A 511 -19.18 8.88 15.10
CA ASP A 511 -19.25 9.76 16.22
C ASP A 511 -18.49 11.03 15.99
N GLN A 512 -17.99 11.26 14.78
CA GLN A 512 -17.18 12.47 14.51
C GLN A 512 -17.49 12.83 13.11
N SER A 513 -17.72 14.11 12.79
CA SER A 513 -17.79 14.49 11.38
C SER A 513 -17.31 15.87 11.00
N GLU A 514 -17.03 15.97 9.71
CA GLU A 514 -16.59 17.15 9.02
C GLU A 514 -17.79 18.01 8.51
N SER A 515 -19.02 17.49 8.78
CA SER A 515 -20.30 18.10 8.40
C SER A 515 -20.84 18.53 9.69
N GLU A 516 -21.47 19.71 9.71
CA GLU A 516 -22.08 20.24 10.93
C GLU A 516 -23.42 19.54 11.19
N LEU A 517 -24.21 19.43 10.13
CA LEU A 517 -25.40 18.58 10.07
C LEU A 517 -25.19 17.21 10.69
N VAL A 518 -24.19 16.48 10.23
CA VAL A 518 -24.02 15.09 10.63
C VAL A 518 -23.67 15.09 12.07
N ASN A 519 -22.95 16.11 12.50
CA ASN A 519 -22.75 16.25 13.93
C ASN A 519 -24.07 16.60 14.68
N GLN A 520 -24.96 17.35 14.08
CA GLN A 520 -26.23 17.52 14.74
C GLN A 520 -26.94 16.15 14.80
N ILE A 521 -26.95 15.42 13.70
CA ILE A 521 -27.63 14.13 13.71
C ILE A 521 -27.03 13.18 14.70
N ILE A 522 -25.73 13.22 14.89
CA ILE A 522 -25.10 12.30 15.83
C ILE A 522 -25.60 12.60 17.21
N GLU A 523 -25.59 13.88 17.60
CA GLU A 523 -26.11 14.31 18.91
C GLU A 523 -27.44 13.64 19.15
N GLN A 524 -28.34 13.84 18.19
CA GLN A 524 -29.65 13.26 18.36
C GLN A 524 -29.61 11.79 18.57
N LEU A 525 -28.82 11.02 17.82
CA LEU A 525 -28.86 9.54 17.94
C LEU A 525 -28.36 9.01 19.29
N ILE A 526 -27.46 9.79 19.90
CA ILE A 526 -26.94 9.56 21.25
C ILE A 526 -28.03 9.70 22.33
N LYS A 527 -28.85 10.76 22.23
CA LYS A 527 -30.09 10.93 23.04
C LYS A 527 -31.15 9.79 22.91
N LYS A 528 -31.31 9.19 21.74
CA LYS A 528 -32.39 8.23 21.61
C LYS A 528 -32.12 6.99 22.39
N GLU A 529 -33.18 6.28 22.67
CA GLU A 529 -33.08 5.01 23.32
C GLU A 529 -33.00 3.99 22.25
N LYS A 530 -33.74 4.19 21.17
CA LYS A 530 -33.78 3.20 20.05
C LYS A 530 -33.92 3.87 18.70
N VAL A 531 -33.20 3.39 17.69
CA VAL A 531 -33.46 3.90 16.38
C VAL A 531 -33.39 2.73 15.46
N TYR A 532 -34.29 2.69 14.47
CA TYR A 532 -34.18 1.75 13.41
C TYR A 532 -34.26 2.48 12.08
N LEU A 533 -33.44 2.09 11.12
CA LEU A 533 -33.31 2.91 9.94
C LEU A 533 -33.29 1.98 8.75
N ALA A 534 -34.17 2.29 7.80
CA ALA A 534 -34.51 1.43 6.70
C ALA A 534 -34.48 2.21 5.45
N TRP A 535 -34.40 1.51 4.35
CA TRP A 535 -34.20 2.09 3.03
C TRP A 535 -35.22 1.53 2.00
N VAL A 536 -35.68 2.40 1.11
CA VAL A 536 -36.48 1.92 0.01
C VAL A 536 -36.09 2.71 -1.21
N PRO A 537 -36.27 2.09 -2.37
CA PRO A 537 -36.07 2.82 -3.59
C PRO A 537 -37.02 4.04 -3.82
N ALA A 538 -36.41 5.18 -4.07
CA ALA A 538 -37.06 6.38 -4.65
C ALA A 538 -38.09 6.13 -5.78
N HIS A 539 -39.15 6.95 -5.83
CA HIS A 539 -40.04 6.99 -6.99
C HIS A 539 -40.49 5.62 -7.48
N LYS A 540 -40.83 4.71 -6.57
CA LYS A 540 -41.31 3.39 -6.98
C LYS A 540 -42.76 3.24 -6.50
N GLY A 541 -43.37 4.40 -6.20
CA GLY A 541 -44.66 4.45 -5.55
C GLY A 541 -44.69 3.48 -4.39
N ILE A 542 -43.99 3.82 -3.31
CA ILE A 542 -44.14 3.06 -2.07
C ILE A 542 -45.04 3.79 -1.09
N GLY A 543 -45.78 2.98 -0.36
CA GLY A 543 -46.53 3.45 0.78
C GLY A 543 -45.60 4.38 1.53
N GLY A 544 -45.94 5.67 1.50
CA GLY A 544 -45.33 6.64 2.39
C GLY A 544 -44.15 7.34 1.78
N ASN A 545 -43.35 6.64 0.99
CA ASN A 545 -42.30 7.31 0.26
C ASN A 545 -43.04 8.24 -0.66
N GLU A 546 -43.97 7.66 -1.40
CA GLU A 546 -44.73 8.44 -2.35
C GLU A 546 -45.32 9.69 -1.70
N GLN A 547 -45.98 9.54 -0.55
CA GLN A 547 -46.56 10.72 0.10
C GLN A 547 -45.54 11.83 0.53
N VAL A 548 -44.35 11.51 1.07
CA VAL A 548 -43.42 12.59 1.44
C VAL A 548 -42.93 13.28 0.19
N ASP A 549 -42.70 12.47 -0.85
CA ASP A 549 -42.14 12.92 -2.13
C ASP A 549 -42.98 14.03 -2.76
N LYS A 550 -44.32 13.83 -2.78
CA LYS A 550 -45.30 14.84 -3.22
C LYS A 550 -45.07 16.11 -2.39
N LEU A 551 -45.35 16.03 -1.07
CA LEU A 551 -45.19 17.14 -0.10
C LEU A 551 -43.88 17.95 -0.24
N VAL A 552 -42.84 17.30 -0.74
CA VAL A 552 -41.50 17.87 -0.80
C VAL A 552 -41.08 18.29 -2.23
N SER A 553 -41.96 18.08 -3.22
CA SER A 553 -41.60 18.29 -4.66
C SER A 553 -41.82 19.73 -5.34
N ALA A 554 -42.39 20.72 -4.63
CA ALA A 554 -42.44 22.11 -5.14
C ALA A 554 -41.04 22.79 -5.04
N GLY A 555 -40.64 23.52 -6.09
CA GLY A 555 -39.27 24.05 -6.22
C GLY A 555 -38.50 23.12 -7.14
N ILE B 5 19.93 -23.73 -23.74
CA ILE B 5 19.27 -23.43 -25.06
C ILE B 5 19.65 -21.98 -25.54
N GLU B 6 19.21 -21.58 -26.75
CA GLU B 6 19.17 -20.15 -27.14
C GLU B 6 17.86 -19.54 -26.65
N THR B 7 17.92 -18.22 -26.40
CA THR B 7 16.96 -17.56 -25.54
C THR B 7 15.96 -16.79 -26.38
N VAL B 8 14.66 -16.90 -26.13
CA VAL B 8 13.74 -16.14 -26.98
C VAL B 8 13.85 -14.64 -26.73
N PRO B 9 14.15 -13.84 -27.78
CA PRO B 9 14.23 -12.39 -27.55
C PRO B 9 12.90 -11.86 -27.05
N VAL B 10 12.93 -10.93 -26.12
CA VAL B 10 11.71 -10.35 -25.58
C VAL B 10 11.70 -8.85 -25.76
N LYS B 11 10.53 -8.24 -25.69
CA LYS B 11 10.44 -6.77 -25.73
C LYS B 11 9.19 -6.20 -25.00
N LEU B 12 9.36 -5.09 -24.28
CA LEU B 12 8.20 -4.23 -23.91
C LEU B 12 7.73 -3.46 -25.18
N LYS B 13 8.74 -3.07 -26.00
CA LYS B 13 8.70 -2.42 -27.37
C LYS B 13 8.29 -0.90 -27.61
N PRO B 14 7.11 -0.45 -27.13
CA PRO B 14 6.90 1.00 -27.38
C PRO B 14 7.54 1.97 -26.29
N GLY B 15 6.73 2.87 -25.71
CA GLY B 15 7.18 3.83 -24.67
C GLY B 15 6.53 3.53 -23.32
N MET B 16 6.40 2.23 -23.02
CA MET B 16 6.21 1.71 -21.65
C MET B 16 7.65 1.41 -21.24
N ASP B 17 8.05 2.02 -20.15
CA ASP B 17 9.33 1.70 -19.60
C ASP B 17 9.07 0.69 -18.44
N GLY B 18 10.08 -0.04 -18.03
CA GLY B 18 9.94 -1.08 -17.02
C GLY B 18 9.58 -0.68 -15.60
N PRO B 19 9.46 -1.65 -14.72
CA PRO B 19 8.84 -1.45 -13.45
C PRO B 19 9.72 -0.82 -12.41
N LYS B 20 9.18 0.21 -11.77
CA LYS B 20 9.83 0.92 -10.68
C LYS B 20 9.00 0.90 -9.38
N VAL B 21 8.71 -0.30 -8.86
CA VAL B 21 7.75 -0.45 -7.80
C VAL B 21 8.46 -0.61 -6.51
N LYS B 22 8.25 0.30 -5.56
CA LYS B 22 8.61 0.19 -4.10
C LYS B 22 8.52 -1.21 -3.53
N GLN B 23 9.39 -1.54 -2.55
CA GLN B 23 9.36 -2.86 -1.86
C GLN B 23 8.65 -2.75 -0.53
N TRP B 24 7.51 -3.38 -0.37
CA TRP B 24 6.78 -3.25 0.88
C TRP B 24 7.69 -3.85 1.98
N PRO B 25 7.66 -3.31 3.22
CA PRO B 25 8.35 -3.82 4.40
C PRO B 25 8.08 -5.26 4.69
N LEU B 26 9.09 -6.00 5.15
CA LEU B 26 8.96 -7.41 5.44
C LEU B 26 9.36 -7.73 6.90
N THR B 27 8.81 -8.77 7.53
CA THR B 27 9.20 -9.12 8.87
C THR B 27 10.57 -9.77 8.88
N GLU B 28 11.27 -9.69 10.00
CA GLU B 28 12.62 -10.29 10.10
C GLU B 28 12.69 -11.67 9.49
N GLU B 29 11.77 -12.54 9.84
CA GLU B 29 11.86 -13.91 9.42
C GLU B 29 11.72 -14.09 7.89
N LYS B 30 11.00 -13.20 7.28
CA LYS B 30 10.75 -13.36 5.89
C LYS B 30 12.00 -12.94 5.20
N ILE B 31 12.53 -11.79 5.59
CA ILE B 31 13.83 -11.35 5.08
C ILE B 31 14.90 -12.46 5.13
N LYS B 32 15.03 -13.17 6.24
CA LYS B 32 16.05 -14.20 6.41
C LYS B 32 15.83 -15.24 5.42
N ALA B 33 14.60 -15.74 5.39
CA ALA B 33 14.22 -16.78 4.43
C ALA B 33 14.64 -16.33 3.06
N LEU B 34 14.38 -15.08 2.74
CA LEU B 34 14.70 -14.63 1.43
C LEU B 34 16.26 -14.61 1.11
N VAL B 35 17.13 -14.26 2.06
CA VAL B 35 18.54 -14.26 1.77
C VAL B 35 19.02 -15.74 1.67
N GLU B 36 18.48 -16.60 2.54
CA GLU B 36 18.86 -18.01 2.51
C GLU B 36 18.55 -18.52 1.10
N ILE B 37 17.35 -18.24 0.61
CA ILE B 37 16.98 -18.67 -0.71
C ILE B 37 17.76 -18.00 -1.78
N CYS B 38 18.14 -16.77 -1.66
CA CYS B 38 18.72 -16.14 -2.80
C CYS B 38 20.21 -16.35 -2.81
N THR B 39 20.77 -16.84 -1.71
CA THR B 39 22.17 -17.18 -1.78
C THR B 39 22.32 -18.43 -2.62
N GLU B 40 21.37 -19.35 -2.46
CA GLU B 40 21.36 -20.56 -3.27
C GLU B 40 21.09 -20.21 -4.70
N MET B 41 20.20 -19.29 -4.96
CA MET B 41 19.79 -19.12 -6.33
C MET B 41 20.94 -18.54 -7.12
N GLU B 42 21.68 -17.62 -6.51
CA GLU B 42 22.94 -17.11 -7.02
C GLU B 42 23.97 -18.18 -7.26
N LYS B 43 24.29 -18.94 -6.22
CA LYS B 43 25.07 -20.14 -6.40
C LYS B 43 24.63 -20.81 -7.69
N GLU B 44 23.38 -21.26 -7.83
CA GLU B 44 23.02 -22.09 -8.97
C GLU B 44 22.92 -21.25 -10.24
N GLY B 45 23.28 -20.00 -10.21
CA GLY B 45 23.34 -19.28 -11.45
C GLY B 45 22.04 -18.75 -11.96
N LYS B 46 20.97 -18.88 -11.17
CA LYS B 46 19.61 -18.36 -11.49
C LYS B 46 19.43 -16.87 -11.42
N ILE B 47 20.02 -16.22 -10.42
CA ILE B 47 20.03 -14.75 -10.34
C ILE B 47 21.50 -14.25 -10.11
N SER B 48 21.74 -12.94 -10.32
CA SER B 48 23.03 -12.30 -10.10
C SER B 48 22.84 -10.97 -9.34
N LYS B 49 23.73 -10.66 -8.39
CA LYS B 49 23.79 -9.33 -7.86
C LYS B 49 23.79 -8.35 -9.01
N ILE B 50 23.11 -7.23 -8.82
CA ILE B 50 23.19 -6.16 -9.78
C ILE B 50 23.58 -4.90 -9.06
N GLY B 51 24.07 -3.95 -9.85
CA GLY B 51 24.49 -2.65 -9.35
C GLY B 51 23.42 -1.55 -9.52
N PRO B 52 23.78 -0.30 -9.23
CA PRO B 52 22.82 0.80 -9.12
C PRO B 52 22.38 1.32 -10.43
N GLU B 53 23.05 0.90 -11.46
CA GLU B 53 22.71 1.28 -12.79
C GLU B 53 21.45 0.56 -13.25
N ASN B 54 20.79 -0.18 -12.34
CA ASN B 54 19.50 -0.84 -12.70
C ASN B 54 18.46 -0.12 -11.90
N PRO B 55 17.64 0.70 -12.56
CA PRO B 55 16.71 1.48 -11.82
C PRO B 55 15.39 0.77 -11.55
N TYR B 56 15.23 -0.41 -12.14
CA TYR B 56 14.01 -1.16 -12.08
C TYR B 56 13.91 -1.92 -10.77
N ASN B 57 12.67 -2.26 -10.41
CA ASN B 57 12.41 -2.92 -9.19
C ASN B 57 11.03 -3.43 -9.16
N THR B 58 10.95 -4.65 -8.63
CA THR B 58 9.74 -5.41 -8.50
C THR B 58 9.70 -5.94 -7.05
N PRO B 59 8.54 -5.93 -6.41
CA PRO B 59 8.59 -6.37 -4.98
C PRO B 59 8.64 -7.87 -4.83
N VAL B 60 9.32 -8.36 -3.81
CA VAL B 60 9.28 -9.76 -3.43
C VAL B 60 8.84 -10.00 -1.95
N PHE B 61 8.26 -11.15 -1.71
CA PHE B 61 7.82 -11.55 -0.42
C PHE B 61 8.18 -13.02 -0.36
N ALA B 62 8.03 -13.55 0.84
CA ALA B 62 8.10 -14.98 1.12
C ALA B 62 6.77 -15.52 1.62
N ILE B 63 6.49 -16.80 1.35
CA ILE B 63 5.26 -17.44 1.78
C ILE B 63 5.57 -18.87 2.24
N LYS B 64 4.55 -19.58 2.72
CA LYS B 64 4.70 -20.89 3.34
C LYS B 64 3.84 -21.93 2.60
N SER B 68 3.59 -24.83 3.69
CA SER B 68 3.40 -25.30 5.07
C SER B 68 4.69 -25.18 5.96
N THR B 69 5.66 -26.08 5.77
CA THR B 69 6.88 -26.13 6.63
C THR B 69 8.13 -25.33 6.08
N LYS B 70 8.36 -25.37 4.75
CA LYS B 70 9.41 -24.58 4.07
C LYS B 70 8.82 -23.26 3.59
N TRP B 71 9.65 -22.19 3.61
CA TRP B 71 9.35 -20.93 2.89
C TRP B 71 9.59 -20.98 1.43
N ARG B 72 8.73 -20.40 0.63
CA ARG B 72 8.96 -20.25 -0.79
C ARG B 72 8.94 -18.73 -1.18
N LYS B 73 9.70 -18.39 -2.21
CA LYS B 73 9.91 -16.98 -2.56
C LYS B 73 8.86 -16.62 -3.56
N LEU B 74 8.17 -15.49 -3.35
CA LEU B 74 7.20 -15.04 -4.32
C LEU B 74 7.49 -13.62 -4.74
N VAL B 75 7.43 -13.37 -6.03
CA VAL B 75 7.75 -12.08 -6.65
C VAL B 75 6.46 -11.53 -7.33
N ASP B 76 6.23 -10.25 -7.09
CA ASP B 76 5.14 -9.57 -7.65
C ASP B 76 5.49 -8.92 -9.01
N PHE B 77 5.25 -9.68 -10.07
CA PHE B 77 5.48 -9.19 -11.43
C PHE B 77 4.27 -8.54 -12.00
N ARG B 78 3.41 -8.02 -11.14
CA ARG B 78 2.18 -7.53 -11.64
C ARG B 78 2.42 -6.42 -12.67
N GLU B 79 3.37 -5.54 -12.41
CA GLU B 79 3.58 -4.43 -13.30
C GLU B 79 4.28 -4.92 -14.58
N LEU B 80 5.40 -5.62 -14.36
CA LEU B 80 6.05 -6.22 -15.45
C LEU B 80 5.06 -6.97 -16.32
N ASN B 81 4.22 -7.77 -15.74
CA ASN B 81 3.24 -8.43 -16.59
C ASN B 81 2.42 -7.42 -17.37
N LYS B 82 2.07 -6.33 -16.75
CA LYS B 82 1.22 -5.38 -17.38
C LYS B 82 1.87 -4.74 -18.59
N ARG B 83 3.19 -4.64 -18.52
CA ARG B 83 3.99 -3.89 -19.47
C ARG B 83 4.67 -4.75 -20.55
N THR B 84 4.41 -6.04 -20.46
CA THR B 84 4.86 -7.06 -21.34
C THR B 84 3.65 -7.68 -22.07
N GLN B 85 2.49 -7.04 -21.94
CA GLN B 85 1.21 -7.70 -22.30
C GLN B 85 1.22 -8.25 -23.71
N ASP B 86 1.70 -7.44 -24.65
CA ASP B 86 1.73 -7.81 -26.08
C ASP B 86 2.52 -9.05 -26.38
N PHE B 87 3.49 -9.34 -25.55
CA PHE B 87 4.32 -10.46 -25.81
C PHE B 87 3.65 -11.76 -25.29
N TRP B 88 3.36 -11.84 -23.97
CA TRP B 88 2.70 -13.05 -23.40
C TRP B 88 1.26 -13.24 -23.88
N GLU B 89 0.58 -12.24 -24.43
CA GLU B 89 -0.82 -12.42 -24.85
C GLU B 89 -0.98 -12.61 -26.36
N VAL B 90 -0.38 -11.72 -27.15
CA VAL B 90 -0.62 -11.70 -28.63
C VAL B 90 0.51 -12.33 -29.47
N GLN B 91 1.71 -12.28 -28.96
CA GLN B 91 2.85 -12.75 -29.68
C GLN B 91 3.17 -14.24 -29.29
N LEU B 92 2.74 -14.67 -28.11
CA LEU B 92 2.95 -16.08 -27.65
C LEU B 92 1.84 -16.59 -26.75
N GLY B 93 0.61 -16.28 -27.12
CA GLY B 93 -0.58 -16.69 -26.37
C GLY B 93 -0.63 -18.19 -26.12
N ILE B 94 -1.22 -18.57 -24.98
CA ILE B 94 -1.62 -19.95 -24.69
C ILE B 94 -3.13 -19.88 -24.78
N PRO B 95 -3.68 -20.65 -25.70
CA PRO B 95 -5.12 -20.65 -25.73
C PRO B 95 -5.62 -21.33 -24.47
N HIS B 96 -6.78 -20.86 -24.01
CA HIS B 96 -7.50 -21.50 -22.90
C HIS B 96 -8.67 -22.38 -23.38
N PRO B 97 -8.73 -23.63 -22.92
CA PRO B 97 -9.78 -24.47 -23.34
C PRO B 97 -11.05 -24.30 -22.56
N ALA B 98 -12.09 -23.90 -23.29
CA ALA B 98 -13.45 -23.96 -22.81
C ALA B 98 -13.83 -25.31 -22.18
N GLY B 99 -13.26 -26.42 -22.63
CA GLY B 99 -13.67 -27.69 -22.10
C GLY B 99 -13.47 -27.81 -20.62
N LEU B 100 -12.42 -27.10 -20.14
CA LEU B 100 -11.87 -27.29 -18.78
C LEU B 100 -12.88 -27.21 -17.62
N LYS B 101 -13.76 -26.22 -17.61
CA LYS B 101 -14.81 -26.13 -16.54
C LYS B 101 -15.86 -27.23 -16.49
N LYS B 102 -15.98 -27.94 -17.60
CA LYS B 102 -16.99 -28.95 -17.77
C LYS B 102 -16.58 -30.25 -17.09
N LYS B 103 -15.29 -30.42 -16.82
CA LYS B 103 -14.76 -31.64 -16.25
C LYS B 103 -15.19 -31.87 -14.83
N LYS B 104 -15.14 -33.13 -14.42
CA LYS B 104 -15.65 -33.59 -13.14
C LYS B 104 -14.64 -33.24 -12.04
N SER B 105 -13.34 -33.44 -12.35
CA SER B 105 -12.23 -33.24 -11.40
C SER B 105 -11.12 -32.52 -12.09
N VAL B 106 -10.68 -31.38 -11.51
CA VAL B 106 -9.46 -30.66 -11.94
C VAL B 106 -8.43 -30.51 -10.86
N THR B 107 -7.20 -30.79 -11.25
CA THR B 107 -6.10 -30.85 -10.31
C THR B 107 -5.11 -29.80 -10.74
N VAL B 108 -4.64 -29.03 -9.78
CA VAL B 108 -3.68 -27.99 -10.04
C VAL B 108 -2.30 -28.44 -9.62
N LEU B 109 -1.36 -28.42 -10.53
CA LEU B 109 0.03 -28.88 -10.21
C LEU B 109 1.04 -27.75 -10.45
N ASP B 110 2.02 -27.61 -9.58
CA ASP B 110 3.00 -26.55 -9.67
C ASP B 110 4.06 -27.08 -10.54
N VAL B 111 4.36 -26.37 -11.62
CA VAL B 111 5.42 -26.72 -12.54
C VAL B 111 6.48 -25.63 -12.68
N GLY B 112 6.43 -24.60 -11.85
CA GLY B 112 7.28 -23.43 -12.01
C GLY B 112 8.76 -23.74 -12.03
N ASP B 113 9.14 -24.84 -11.34
CA ASP B 113 10.54 -25.26 -11.28
C ASP B 113 11.13 -25.60 -12.64
N ALA B 114 10.30 -25.90 -13.58
CA ALA B 114 10.72 -25.91 -14.93
C ALA B 114 11.39 -24.65 -15.47
N TYR B 115 10.82 -23.50 -15.24
CA TYR B 115 11.36 -22.27 -15.81
C TYR B 115 12.80 -22.00 -15.32
N PHE B 116 13.22 -22.62 -14.22
CA PHE B 116 14.59 -22.43 -13.76
C PHE B 116 15.69 -23.05 -14.67
N SER B 117 15.27 -23.81 -15.68
CA SER B 117 16.15 -24.47 -16.66
C SER B 117 16.35 -23.67 -17.92
N VAL B 118 15.37 -22.95 -18.38
CA VAL B 118 15.55 -22.08 -19.54
C VAL B 118 16.20 -20.73 -19.21
N PRO B 119 17.19 -20.28 -19.95
CA PRO B 119 17.66 -18.94 -19.63
C PRO B 119 16.84 -17.86 -20.22
N LEU B 120 17.09 -16.68 -19.71
CA LEU B 120 16.31 -15.48 -20.05
C LEU B 120 17.09 -14.48 -20.92
N ASP B 121 16.44 -14.00 -22.00
CA ASP B 121 17.06 -13.01 -22.88
C ASP B 121 17.87 -11.99 -22.10
N GLU B 122 19.19 -12.14 -22.18
CA GLU B 122 20.16 -11.16 -21.66
C GLU B 122 19.73 -9.69 -21.65
N ASP B 123 19.15 -9.16 -22.72
CA ASP B 123 18.73 -7.76 -22.66
C ASP B 123 17.42 -7.52 -21.98
N PHE B 124 16.76 -8.59 -21.57
CA PHE B 124 15.56 -8.41 -20.77
C PHE B 124 15.86 -8.49 -19.28
N ARG B 125 16.90 -9.22 -18.91
CA ARG B 125 17.14 -9.46 -17.51
C ARG B 125 16.99 -8.25 -16.60
N LYS B 126 17.30 -7.09 -17.12
CA LYS B 126 17.40 -5.89 -16.27
C LYS B 126 16.12 -5.57 -15.63
N TYR B 127 15.05 -6.00 -16.28
CA TYR B 127 13.71 -5.70 -15.83
C TYR B 127 13.22 -6.61 -14.74
N THR B 128 13.96 -7.64 -14.38
CA THR B 128 13.49 -8.57 -13.40
C THR B 128 14.12 -8.22 -12.05
N ALA B 129 14.67 -7.01 -11.94
CA ALA B 129 15.31 -6.57 -10.65
C ALA B 129 14.38 -6.56 -9.43
N PHE B 130 14.88 -7.12 -8.32
CA PHE B 130 14.25 -6.97 -7.01
C PHE B 130 15.21 -6.71 -5.85
N THR B 131 14.69 -6.36 -4.67
CA THR B 131 15.49 -5.89 -3.54
C THR B 131 15.09 -6.66 -2.33
N ILE B 132 16.04 -7.24 -1.60
CA ILE B 132 15.73 -7.73 -0.27
C ILE B 132 16.12 -6.59 0.58
N PRO B 133 15.23 -6.18 1.47
CA PRO B 133 15.57 -4.99 2.20
C PRO B 133 15.98 -5.41 3.62
N SER B 134 16.25 -4.44 4.47
CA SER B 134 16.91 -4.75 5.75
C SER B 134 16.20 -4.09 6.89
N ILE B 135 16.29 -4.70 8.03
CA ILE B 135 15.59 -4.14 9.16
C ILE B 135 16.19 -2.84 9.57
N ASN B 136 15.29 -1.93 9.84
CA ASN B 136 15.58 -0.56 10.23
C ASN B 136 16.45 0.12 9.19
N ASN B 137 16.38 -0.24 7.94
CA ASN B 137 17.24 0.42 6.95
C ASN B 137 18.73 0.55 7.28
N GLU B 138 19.23 -0.38 8.05
CA GLU B 138 20.65 -0.40 8.58
C GLU B 138 21.70 -0.66 7.49
N THR B 139 21.40 -1.59 6.61
CA THR B 139 22.23 -2.00 5.48
C THR B 139 21.49 -1.49 4.20
N PRO B 140 22.14 -1.36 3.03
CA PRO B 140 21.44 -0.93 1.77
C PRO B 140 20.57 -1.96 1.00
N GLY B 141 20.58 -3.22 1.37
CA GLY B 141 19.54 -3.99 0.76
C GLY B 141 20.06 -4.62 -0.50
N ILE B 142 19.93 -5.95 -0.52
CA ILE B 142 20.59 -6.73 -1.50
C ILE B 142 19.80 -6.81 -2.80
N ARG B 143 20.41 -6.36 -3.89
CA ARG B 143 19.76 -6.23 -5.18
C ARG B 143 20.19 -7.34 -6.10
N TYR B 144 19.22 -8.04 -6.70
CA TYR B 144 19.51 -9.10 -7.69
C TYR B 144 18.76 -8.96 -8.94
N GLN B 145 19.05 -9.78 -9.92
CA GLN B 145 18.15 -9.93 -11.07
C GLN B 145 18.14 -11.35 -11.68
N TYR B 146 17.13 -11.68 -12.46
CA TYR B 146 17.01 -13.01 -12.86
C TYR B 146 17.91 -13.20 -14.01
N ASN B 147 18.57 -14.37 -14.05
CA ASN B 147 19.27 -14.87 -15.25
C ASN B 147 18.47 -15.92 -16.02
N VAL B 148 17.45 -16.54 -15.38
CA VAL B 148 16.70 -17.67 -15.94
C VAL B 148 15.24 -17.25 -15.88
N LEU B 149 14.34 -17.93 -16.59
CA LEU B 149 12.89 -17.60 -16.53
C LEU B 149 12.33 -17.60 -15.06
N PRO B 150 11.63 -16.50 -14.68
CA PRO B 150 11.22 -16.36 -13.33
C PRO B 150 9.81 -16.82 -13.09
N GLN B 151 9.57 -17.28 -11.92
CA GLN B 151 8.29 -17.71 -11.62
C GLN B 151 7.57 -16.43 -11.30
N GLY B 152 6.32 -16.32 -11.73
CA GLY B 152 5.55 -15.10 -11.54
C GLY B 152 5.31 -14.25 -12.74
N TRP B 153 6.17 -14.29 -13.72
CA TRP B 153 6.03 -13.41 -14.90
C TRP B 153 5.29 -14.20 -15.97
N LYS B 154 4.23 -13.62 -16.46
CA LYS B 154 3.45 -14.39 -17.41
C LYS B 154 4.27 -14.67 -18.66
N GLY B 155 5.35 -13.94 -18.97
CA GLY B 155 6.31 -14.36 -20.05
C GLY B 155 6.93 -15.79 -19.97
N SER B 156 7.12 -16.32 -18.76
CA SER B 156 7.78 -17.59 -18.61
C SER B 156 7.00 -18.72 -19.23
N PRO B 157 5.74 -18.92 -18.83
CA PRO B 157 5.08 -19.99 -19.59
C PRO B 157 4.89 -19.63 -21.05
N ALA B 158 4.77 -18.35 -21.39
CA ALA B 158 4.74 -18.01 -22.84
C ALA B 158 5.91 -18.71 -23.58
N ILE B 159 7.13 -18.59 -23.03
CA ILE B 159 8.33 -19.05 -23.70
C ILE B 159 8.30 -20.56 -23.70
N PHE B 160 8.18 -21.11 -22.52
CA PHE B 160 8.29 -22.49 -22.35
C PHE B 160 7.23 -23.28 -23.07
N GLN B 161 6.24 -22.71 -23.72
CA GLN B 161 5.13 -23.60 -24.07
C GLN B 161 5.60 -24.55 -25.10
N SER B 162 6.44 -24.07 -26.01
CA SER B 162 7.12 -24.94 -26.96
C SER B 162 7.65 -26.17 -26.21
N SER B 163 8.36 -25.98 -25.09
CA SER B 163 8.85 -27.15 -24.29
C SER B 163 7.77 -27.93 -23.58
N MET B 164 6.83 -27.19 -23.04
CA MET B 164 5.74 -27.79 -22.25
C MET B 164 5.02 -28.75 -23.11
N THR B 165 4.89 -28.43 -24.40
CA THR B 165 4.15 -29.26 -25.34
C THR B 165 4.79 -30.61 -25.69
N LYS B 166 6.11 -30.59 -25.93
CA LYS B 166 6.86 -31.80 -26.12
C LYS B 166 6.70 -32.75 -24.93
N ILE B 167 6.81 -32.26 -23.71
CA ILE B 167 6.76 -33.11 -22.50
C ILE B 167 5.41 -33.82 -22.33
N LEU B 168 4.34 -33.12 -22.69
CA LEU B 168 3.00 -33.61 -22.45
C LEU B 168 2.47 -34.46 -23.63
N GLU B 169 3.20 -34.46 -24.76
CA GLU B 169 2.70 -35.07 -26.01
C GLU B 169 2.28 -36.52 -25.80
N PRO B 170 3.12 -37.26 -25.08
CA PRO B 170 2.72 -38.63 -25.01
C PRO B 170 1.49 -38.74 -24.14
N PHE B 171 1.52 -38.11 -22.97
CA PHE B 171 0.36 -38.17 -22.06
C PHE B 171 -0.91 -37.75 -22.75
N ARG B 172 -0.84 -36.77 -23.60
CA ARG B 172 -2.05 -36.29 -24.23
C ARG B 172 -2.49 -37.27 -25.28
N LYS B 173 -1.53 -37.72 -26.12
CA LYS B 173 -1.75 -38.84 -27.06
C LYS B 173 -2.38 -40.00 -26.36
N GLN B 174 -1.94 -40.41 -25.19
CA GLN B 174 -2.51 -41.62 -24.56
C GLN B 174 -3.74 -41.41 -23.73
N ASN B 175 -4.01 -40.14 -23.39
CA ASN B 175 -5.22 -39.73 -22.66
C ASN B 175 -5.93 -38.58 -23.37
N PRO B 176 -6.82 -38.94 -24.31
CA PRO B 176 -7.22 -37.85 -25.23
C PRO B 176 -8.37 -37.06 -24.66
N ASP B 177 -9.06 -37.63 -23.67
CA ASP B 177 -10.10 -36.92 -22.94
C ASP B 177 -9.61 -36.18 -21.66
N ILE B 178 -8.31 -36.00 -21.49
CA ILE B 178 -7.79 -35.31 -20.32
C ILE B 178 -7.33 -34.00 -20.85
N VAL B 179 -7.75 -32.92 -20.20
CA VAL B 179 -7.54 -31.59 -20.70
C VAL B 179 -6.52 -30.91 -19.79
N ILE B 180 -5.48 -30.29 -20.39
CA ILE B 180 -4.37 -29.79 -19.64
C ILE B 180 -4.15 -28.41 -20.09
N TYR B 181 -4.07 -27.54 -19.09
CA TYR B 181 -3.96 -26.12 -19.27
C TYR B 181 -2.95 -25.54 -18.36
N GLN B 182 -2.25 -24.57 -18.88
CA GLN B 182 -1.14 -23.98 -18.23
C GLN B 182 -1.47 -22.56 -17.89
N TYR B 183 -1.47 -22.25 -16.63
CA TYR B 183 -1.57 -20.88 -16.29
C TYR B 183 -0.48 -20.46 -15.35
N MET B 184 0.37 -19.58 -15.85
CA MET B 184 1.52 -19.12 -15.11
C MET B 184 2.38 -20.26 -14.60
N ASP B 185 2.52 -20.52 -13.29
CA ASP B 185 3.44 -21.54 -12.79
C ASP B 185 2.73 -22.92 -12.65
N ASP B 186 1.43 -22.98 -12.93
CA ASP B 186 0.64 -24.18 -12.66
C ASP B 186 0.10 -24.80 -13.90
N LEU B 187 -0.11 -26.10 -13.75
CA LEU B 187 -0.80 -26.85 -14.74
C LEU B 187 -2.12 -27.26 -14.20
N TYR B 188 -3.16 -27.02 -14.98
CA TYR B 188 -4.52 -27.44 -14.66
C TYR B 188 -4.88 -28.71 -15.48
N VAL B 189 -5.25 -29.74 -14.77
CA VAL B 189 -5.42 -31.06 -15.39
C VAL B 189 -6.79 -31.60 -15.06
N GLY B 190 -7.62 -31.62 -16.10
CA GLY B 190 -9.04 -32.07 -16.01
C GLY B 190 -9.52 -33.38 -16.69
N SER B 191 -10.31 -34.18 -15.96
CA SER B 191 -10.83 -35.43 -16.46
C SER B 191 -12.25 -35.60 -15.97
N ASP B 192 -13.05 -36.35 -16.73
CA ASP B 192 -14.31 -36.89 -16.18
C ASP B 192 -14.05 -38.30 -15.64
N LEU B 193 -12.78 -38.68 -15.43
CA LEU B 193 -12.46 -39.98 -14.81
C LEU B 193 -13.07 -40.10 -13.42
N GLU B 194 -13.18 -41.31 -12.88
CA GLU B 194 -13.46 -41.53 -11.45
C GLU B 194 -12.24 -41.17 -10.64
N ILE B 195 -12.44 -40.81 -9.39
CA ILE B 195 -11.41 -40.12 -8.62
C ILE B 195 -10.10 -40.94 -8.47
N GLY B 196 -10.17 -42.14 -7.94
CA GLY B 196 -9.00 -43.01 -7.96
C GLY B 196 -8.35 -43.04 -9.33
N GLN B 197 -9.12 -43.07 -10.42
CA GLN B 197 -8.52 -43.08 -11.80
C GLN B 197 -7.98 -41.74 -12.14
N HIS B 198 -8.71 -40.71 -11.72
CA HIS B 198 -8.27 -39.40 -12.02
C HIS B 198 -6.99 -39.23 -11.27
N ARG B 199 -7.05 -39.65 -10.02
CA ARG B 199 -5.89 -39.54 -9.19
C ARG B 199 -4.62 -40.35 -9.64
N THR B 200 -4.87 -41.52 -10.22
CA THR B 200 -3.81 -42.36 -10.70
C THR B 200 -3.27 -41.71 -11.93
N LYS B 201 -4.10 -41.04 -12.70
CA LYS B 201 -3.52 -40.47 -13.91
C LYS B 201 -2.68 -39.26 -13.54
N ILE B 202 -2.92 -38.70 -12.38
CA ILE B 202 -2.19 -37.50 -12.02
C ILE B 202 -0.74 -37.87 -11.69
N GLU B 203 -0.58 -38.97 -10.94
CA GLU B 203 0.73 -39.56 -10.65
C GLU B 203 1.47 -39.88 -11.91
N GLU B 204 0.77 -40.55 -12.82
CA GLU B 204 1.31 -40.84 -14.15
C GLU B 204 1.84 -39.55 -14.75
N LEU B 205 1.05 -38.50 -14.69
CA LEU B 205 1.47 -37.28 -15.29
C LEU B 205 2.70 -36.75 -14.59
N ARG B 206 2.76 -36.91 -13.28
CA ARG B 206 3.91 -36.35 -12.51
C ARG B 206 5.25 -36.93 -12.95
N GLN B 207 5.23 -38.25 -13.14
CA GLN B 207 6.39 -39.01 -13.60
C GLN B 207 6.84 -38.57 -15.02
N HIS B 208 5.90 -38.31 -15.92
CA HIS B 208 6.37 -37.69 -17.19
C HIS B 208 7.21 -36.48 -16.89
N LEU B 209 6.78 -35.67 -15.92
CA LEU B 209 7.41 -34.40 -15.63
C LEU B 209 8.72 -34.67 -14.91
N LEU B 210 8.71 -35.61 -13.99
CA LEU B 210 9.87 -35.97 -13.22
C LEU B 210 11.09 -36.38 -14.07
N ARG B 211 10.90 -37.05 -15.22
CA ARG B 211 11.95 -37.04 -16.29
C ARG B 211 11.80 -35.70 -16.90
N TRP B 212 12.82 -34.98 -17.29
CA TRP B 212 12.61 -33.57 -17.71
C TRP B 212 12.74 -32.53 -16.59
N GLY B 213 12.42 -32.89 -15.35
CA GLY B 213 12.79 -32.05 -14.19
C GLY B 213 11.66 -31.40 -13.40
N LEU B 214 11.02 -32.21 -12.56
CA LEU B 214 9.99 -31.74 -11.64
C LEU B 214 9.64 -32.71 -10.45
N TRP B 229 -8.24 -23.72 2.10
CA TRP B 229 -9.25 -23.36 1.08
C TRP B 229 -9.53 -24.56 0.12
N MET B 230 -8.79 -24.71 -0.99
CA MET B 230 -9.18 -25.63 -2.12
C MET B 230 -9.04 -27.16 -1.86
N GLY B 231 -8.57 -27.56 -0.68
CA GLY B 231 -8.47 -28.99 -0.32
C GLY B 231 -7.50 -29.73 -1.23
N TYR B 232 -8.04 -30.51 -2.18
CA TYR B 232 -7.23 -31.37 -3.09
C TYR B 232 -7.42 -30.94 -4.60
N GLU B 233 -8.31 -31.65 -5.28
CA GLU B 233 -8.68 -31.36 -6.62
C GLU B 233 -9.79 -30.29 -6.60
N LEU B 234 -10.27 -29.84 -7.76
CA LEU B 234 -11.45 -28.99 -7.87
C LEU B 234 -12.47 -29.72 -8.65
N HIS B 235 -13.72 -29.26 -8.54
CA HIS B 235 -14.86 -29.92 -9.20
C HIS B 235 -15.73 -28.95 -9.95
N PRO B 236 -15.34 -28.62 -11.18
CA PRO B 236 -15.98 -27.55 -11.87
C PRO B 236 -17.39 -27.83 -12.33
N ASP B 237 -17.69 -29.05 -12.77
CA ASP B 237 -19.12 -29.48 -12.97
C ASP B 237 -20.03 -29.38 -11.71
N LYS B 238 -19.50 -29.19 -10.51
CA LYS B 238 -20.34 -28.92 -9.35
C LYS B 238 -20.37 -27.45 -9.02
N TRP B 239 -20.22 -26.55 -10.03
CA TRP B 239 -20.05 -25.10 -9.78
C TRP B 239 -21.22 -24.29 -10.21
N THR B 240 -22.25 -24.35 -9.39
CA THR B 240 -23.47 -23.63 -9.61
C THR B 240 -23.36 -22.25 -8.88
N VAL B 241 -23.86 -21.21 -9.54
CA VAL B 241 -24.00 -19.88 -8.94
C VAL B 241 -24.91 -19.89 -7.71
N GLN B 242 -24.67 -18.96 -6.80
CA GLN B 242 -25.56 -18.70 -5.67
C GLN B 242 -26.75 -17.82 -6.08
N PRO B 243 -27.98 -18.40 -6.20
CA PRO B 243 -29.15 -17.54 -6.45
C PRO B 243 -29.32 -16.42 -5.41
N ILE B 244 -29.73 -15.23 -5.86
CA ILE B 244 -30.37 -14.22 -4.97
C ILE B 244 -31.64 -14.85 -4.42
N VAL B 245 -31.73 -14.93 -3.10
CA VAL B 245 -32.75 -15.77 -2.45
C VAL B 245 -33.74 -14.89 -1.75
N LEU B 246 -35.01 -15.19 -1.96
CA LEU B 246 -36.08 -14.39 -1.40
C LEU B 246 -36.63 -15.17 -0.27
N PRO B 247 -36.58 -14.58 0.91
CA PRO B 247 -37.15 -15.34 2.03
C PRO B 247 -38.54 -15.92 1.71
N GLU B 248 -38.76 -17.20 2.02
CA GLU B 248 -40.13 -17.71 2.27
C GLU B 248 -40.56 -17.29 3.67
N LYS B 249 -41.85 -16.95 3.79
CA LYS B 249 -42.44 -16.42 5.02
C LYS B 249 -43.96 -16.74 5.12
N ASP B 250 -44.28 -17.52 6.14
CA ASP B 250 -45.63 -17.54 6.72
C ASP B 250 -46.24 -16.11 6.71
N SER B 251 -45.54 -15.19 7.38
CA SER B 251 -46.04 -13.87 7.80
C SER B 251 -45.15 -12.71 7.34
N TRP B 252 -45.77 -11.62 6.93
CA TRP B 252 -45.06 -10.53 6.29
C TRP B 252 -45.36 -9.24 6.99
N THR B 253 -44.33 -8.44 7.25
CA THR B 253 -44.51 -7.12 7.86
C THR B 253 -44.28 -6.12 6.76
N VAL B 254 -44.53 -4.86 7.07
CA VAL B 254 -44.39 -3.85 6.03
C VAL B 254 -42.94 -3.77 5.69
N ASN B 255 -42.10 -3.59 6.72
CA ASN B 255 -40.65 -3.75 6.58
C ASN B 255 -40.30 -4.85 5.62
N ASP B 256 -40.75 -6.07 5.91
CA ASP B 256 -40.32 -7.23 5.16
C ASP B 256 -40.60 -7.06 3.68
N ILE B 257 -41.66 -6.33 3.35
CA ILE B 257 -42.06 -6.17 1.92
C ILE B 257 -41.18 -5.17 1.25
N GLN B 258 -40.98 -4.08 1.94
CA GLN B 258 -40.01 -3.08 1.54
C GLN B 258 -38.59 -3.69 1.27
N LYS B 259 -38.08 -4.42 2.24
CA LYS B 259 -36.85 -5.13 2.02
C LYS B 259 -36.99 -5.92 0.74
N LEU B 260 -38.10 -6.60 0.59
CA LEU B 260 -38.34 -7.44 -0.59
C LEU B 260 -38.46 -6.63 -1.87
N VAL B 261 -39.23 -5.55 -1.85
CA VAL B 261 -39.29 -4.67 -3.03
C VAL B 261 -37.90 -4.09 -3.46
N GLY B 262 -37.06 -3.71 -2.49
CA GLY B 262 -35.79 -3.13 -2.81
C GLY B 262 -34.92 -4.19 -3.44
N LYS B 263 -34.90 -5.32 -2.78
CA LYS B 263 -34.14 -6.46 -3.18
C LYS B 263 -34.55 -6.97 -4.55
N LEU B 264 -35.80 -6.77 -4.99
CA LEU B 264 -36.23 -7.26 -6.34
C LEU B 264 -35.98 -6.18 -7.34
N ASN B 265 -36.16 -4.93 -6.90
CA ASN B 265 -36.03 -3.77 -7.75
C ASN B 265 -34.59 -3.63 -8.16
N TRP B 266 -33.73 -4.00 -7.27
CA TRP B 266 -32.35 -4.04 -7.63
C TRP B 266 -32.10 -5.16 -8.67
N ALA B 267 -32.48 -6.39 -8.35
CA ALA B 267 -32.41 -7.53 -9.27
C ALA B 267 -32.96 -7.30 -10.67
N SER B 268 -33.91 -6.37 -10.80
CA SER B 268 -34.52 -6.12 -12.08
C SER B 268 -33.46 -5.61 -13.02
N GLN B 269 -32.60 -4.74 -12.50
CA GLN B 269 -31.61 -4.14 -13.36
C GLN B 269 -30.48 -5.10 -13.77
N ILE B 270 -30.57 -6.38 -13.41
CA ILE B 270 -29.64 -7.40 -13.96
C ILE B 270 -30.41 -8.47 -14.70
N TYR B 271 -31.47 -8.95 -14.02
CA TYR B 271 -32.34 -9.97 -14.55
C TYR B 271 -33.54 -9.44 -15.37
N PRO B 272 -33.62 -9.83 -16.66
CA PRO B 272 -34.75 -9.42 -17.48
C PRO B 272 -35.91 -10.30 -17.16
N GLY B 273 -37.00 -9.69 -16.72
CA GLY B 273 -38.25 -10.43 -16.50
C GLY B 273 -38.86 -10.25 -15.14
N ILE B 274 -38.13 -9.60 -14.24
CA ILE B 274 -38.56 -9.41 -12.86
C ILE B 274 -39.68 -8.39 -12.89
N LYS B 275 -40.64 -8.56 -11.98
CA LYS B 275 -41.74 -7.63 -11.85
C LYS B 275 -42.00 -7.42 -10.34
N VAL B 276 -42.33 -6.17 -9.92
CA VAL B 276 -42.68 -5.79 -8.48
C VAL B 276 -44.08 -5.19 -8.27
N ARG B 277 -44.63 -4.55 -9.30
CA ARG B 277 -46.01 -3.95 -9.31
C ARG B 277 -46.89 -4.40 -8.16
N GLN B 278 -47.10 -5.70 -8.13
CA GLN B 278 -48.05 -6.31 -7.21
C GLN B 278 -47.73 -6.01 -5.73
N LEU B 279 -46.48 -6.12 -5.35
CA LEU B 279 -46.10 -5.88 -3.97
C LEU B 279 -46.21 -4.38 -3.70
N CYS B 280 -45.86 -3.53 -4.66
CA CYS B 280 -46.08 -2.08 -4.46
C CYS B 280 -47.54 -1.78 -4.21
N LYS B 281 -48.41 -2.55 -4.86
CA LYS B 281 -49.81 -2.45 -4.51
C LYS B 281 -49.90 -2.66 -3.00
N LEU B 282 -49.34 -3.79 -2.51
CA LEU B 282 -49.44 -4.16 -1.08
C LEU B 282 -49.11 -3.00 -0.14
N LEU B 283 -48.17 -2.14 -0.54
CA LEU B 283 -47.83 -0.96 0.26
C LEU B 283 -48.62 0.26 -0.11
N ARG B 284 -49.84 0.37 0.42
CA ARG B 284 -50.79 1.36 -0.06
C ARG B 284 -50.58 2.74 0.54
N GLY B 285 -50.63 2.87 1.87
CA GLY B 285 -50.72 4.20 2.50
C GLY B 285 -49.42 4.63 3.14
N THR B 286 -49.51 5.34 4.26
CA THR B 286 -48.33 5.66 5.09
C THR B 286 -48.43 4.88 6.40
N LYS B 287 -47.83 3.70 6.41
CA LYS B 287 -48.03 2.80 7.54
C LYS B 287 -46.81 2.47 8.39
N ALA B 288 -47.08 1.86 9.53
CA ALA B 288 -46.07 1.38 10.48
C ALA B 288 -45.35 0.13 9.97
N LEU B 289 -44.07 0.02 10.27
CA LEU B 289 -43.22 -1.00 9.68
C LEU B 289 -43.48 -2.37 10.30
N THR B 290 -43.73 -2.26 11.60
CA THR B 290 -44.10 -3.33 12.46
C THR B 290 -45.48 -3.93 12.03
N GLU B 291 -46.34 -3.09 11.45
CA GLU B 291 -47.66 -3.52 10.93
C GLU B 291 -47.57 -4.66 9.93
N VAL B 292 -48.25 -5.77 10.21
CA VAL B 292 -48.40 -6.91 9.27
C VAL B 292 -49.45 -6.67 8.18
N ILE B 293 -49.31 -7.34 7.03
CA ILE B 293 -50.10 -7.08 5.81
C ILE B 293 -50.19 -8.40 5.03
N PRO B 294 -51.40 -8.82 4.60
CA PRO B 294 -51.53 -10.20 4.15
C PRO B 294 -51.23 -10.42 2.64
N LEU B 295 -50.42 -11.42 2.34
CA LEU B 295 -50.09 -11.85 0.95
C LEU B 295 -51.28 -11.89 -0.12
N THR B 296 -51.18 -11.15 -1.24
CA THR B 296 -52.18 -11.22 -2.34
C THR B 296 -52.06 -12.46 -3.20
N GLU B 297 -53.15 -12.69 -3.94
CA GLU B 297 -53.25 -13.71 -4.98
C GLU B 297 -52.12 -13.59 -5.96
N GLU B 298 -52.10 -12.44 -6.60
CA GLU B 298 -51.10 -12.19 -7.60
C GLU B 298 -49.78 -11.91 -6.92
N ALA B 299 -49.78 -11.14 -5.82
CA ALA B 299 -48.53 -10.84 -5.11
C ALA B 299 -47.71 -12.11 -4.86
N GLU B 300 -48.35 -13.11 -4.26
CA GLU B 300 -47.72 -14.42 -4.14
C GLU B 300 -47.26 -15.04 -5.47
N LEU B 301 -48.12 -14.90 -6.48
CA LEU B 301 -47.86 -15.40 -7.83
C LEU B 301 -46.52 -14.84 -8.37
N GLU B 302 -46.38 -13.51 -8.35
CA GLU B 302 -45.13 -12.79 -8.71
C GLU B 302 -43.88 -13.33 -8.01
N LEU B 303 -43.95 -13.41 -6.68
CA LEU B 303 -42.86 -13.92 -5.87
C LEU B 303 -42.23 -15.18 -6.38
N ALA B 304 -43.06 -16.20 -6.57
CA ALA B 304 -42.57 -17.49 -7.03
C ALA B 304 -42.09 -17.36 -8.46
N GLU B 305 -42.71 -16.48 -9.24
CA GLU B 305 -42.28 -16.24 -10.63
C GLU B 305 -40.86 -15.58 -10.71
N ASN B 306 -40.61 -14.64 -9.81
CA ASN B 306 -39.30 -14.11 -9.68
C ASN B 306 -38.35 -15.19 -9.14
N ARG B 307 -38.79 -15.95 -8.14
CA ARG B 307 -37.90 -16.91 -7.49
C ARG B 307 -37.33 -17.74 -8.58
N GLU B 308 -38.23 -18.24 -9.41
CA GLU B 308 -37.83 -18.98 -10.63
C GLU B 308 -36.82 -18.25 -11.51
N ILE B 309 -36.90 -16.94 -11.69
CA ILE B 309 -35.98 -16.32 -12.64
C ILE B 309 -34.61 -16.34 -12.06
N LEU B 310 -34.55 -15.95 -10.81
CA LEU B 310 -33.30 -15.70 -10.08
C LEU B 310 -32.44 -16.95 -9.90
N LYS B 311 -33.05 -18.13 -10.01
CA LYS B 311 -32.36 -19.42 -9.85
C LYS B 311 -31.46 -19.74 -11.06
N GLU B 312 -32.08 -19.65 -12.24
CA GLU B 312 -31.42 -19.66 -13.55
C GLU B 312 -30.49 -18.44 -13.77
N PRO B 313 -29.32 -18.63 -14.39
CA PRO B 313 -28.42 -17.46 -14.58
C PRO B 313 -29.01 -16.35 -15.46
N VAL B 314 -28.29 -15.24 -15.56
CA VAL B 314 -28.76 -14.02 -16.25
C VAL B 314 -28.84 -14.21 -17.75
N HIS B 315 -29.98 -13.85 -18.31
CA HIS B 315 -30.09 -13.91 -19.75
C HIS B 315 -29.51 -12.59 -20.28
N GLY B 316 -28.55 -12.67 -21.18
CA GLY B 316 -28.00 -11.46 -21.82
C GLY B 316 -26.52 -11.19 -21.62
N VAL B 317 -25.92 -11.92 -20.70
CA VAL B 317 -24.58 -11.59 -20.22
C VAL B 317 -23.65 -12.63 -20.74
N TYR B 318 -22.63 -12.16 -21.44
CA TYR B 318 -21.69 -13.02 -22.07
C TYR B 318 -20.29 -12.45 -21.86
N TYR B 319 -19.31 -13.35 -21.77
CA TYR B 319 -17.92 -13.02 -21.59
C TYR B 319 -17.38 -12.36 -22.83
N ASP B 320 -16.78 -11.17 -22.69
CA ASP B 320 -16.07 -10.52 -23.79
C ASP B 320 -14.64 -10.63 -23.40
N PRO B 321 -13.84 -11.37 -24.17
CA PRO B 321 -12.43 -11.56 -23.85
C PRO B 321 -11.62 -10.30 -23.90
N SER B 322 -12.18 -9.21 -24.41
CA SER B 322 -11.37 -8.02 -24.63
C SER B 322 -11.53 -7.05 -23.48
N LYS B 323 -12.55 -7.26 -22.64
CA LYS B 323 -12.73 -6.50 -21.43
C LYS B 323 -12.15 -7.29 -20.21
N ASP B 324 -11.68 -6.50 -19.21
CA ASP B 324 -11.20 -6.99 -17.90
C ASP B 324 -12.28 -7.65 -17.04
N LEU B 325 -11.94 -8.68 -16.28
CA LEU B 325 -12.91 -9.29 -15.40
C LEU B 325 -12.78 -8.61 -14.06
N ILE B 326 -13.88 -8.26 -13.45
CA ILE B 326 -13.80 -7.60 -12.18
C ILE B 326 -14.57 -8.47 -11.18
N ALA B 327 -14.14 -8.45 -9.90
CA ALA B 327 -14.65 -9.31 -8.79
C ALA B 327 -14.97 -8.47 -7.54
N GLU B 328 -16.18 -8.51 -7.07
CA GLU B 328 -16.53 -7.88 -5.83
C GLU B 328 -16.76 -8.92 -4.75
N ILE B 329 -16.42 -8.59 -3.52
CA ILE B 329 -16.63 -9.41 -2.35
C ILE B 329 -17.32 -8.65 -1.23
N GLN B 330 -18.27 -9.29 -0.56
CA GLN B 330 -18.97 -8.67 0.61
C GLN B 330 -18.86 -9.52 1.88
N LYS B 331 -18.53 -8.89 2.98
CA LYS B 331 -18.43 -9.56 4.24
C LYS B 331 -19.82 -9.77 4.67
N GLN B 332 -20.26 -11.02 4.84
CA GLN B 332 -21.64 -11.21 5.24
C GLN B 332 -21.80 -11.39 6.72
N GLY B 333 -20.69 -11.34 7.45
CA GLY B 333 -20.71 -11.62 8.89
C GLY B 333 -20.62 -13.11 9.16
N GLN B 334 -20.11 -13.45 10.35
CA GLN B 334 -20.13 -14.83 10.84
C GLN B 334 -19.47 -15.75 9.81
N GLY B 335 -18.31 -15.35 9.26
CA GLY B 335 -17.44 -16.28 8.47
C GLY B 335 -17.86 -16.58 7.03
N GLN B 336 -18.76 -15.74 6.55
CA GLN B 336 -19.43 -15.90 5.27
C GLN B 336 -19.08 -14.71 4.42
N TRP B 337 -18.89 -14.97 3.15
CA TRP B 337 -18.58 -13.94 2.16
C TRP B 337 -19.33 -14.30 0.91
N THR B 338 -19.65 -13.25 0.16
CA THR B 338 -20.33 -13.36 -1.09
C THR B 338 -19.54 -12.65 -2.21
N TYR B 339 -19.72 -13.11 -3.42
CA TYR B 339 -18.92 -12.55 -4.40
C TYR B 339 -19.51 -12.55 -5.77
N GLN B 340 -19.07 -11.59 -6.60
CA GLN B 340 -19.62 -11.52 -7.96
C GLN B 340 -18.49 -11.25 -8.94
N ILE B 341 -18.52 -11.89 -10.10
CA ILE B 341 -17.58 -11.64 -11.18
C ILE B 341 -18.41 -11.07 -12.33
N TYR B 342 -17.99 -9.95 -12.87
CA TYR B 342 -18.70 -9.30 -13.95
C TYR B 342 -17.70 -8.47 -14.69
N GLN B 343 -18.04 -8.12 -15.93
CA GLN B 343 -17.23 -7.25 -16.71
C GLN B 343 -17.88 -5.90 -16.73
N GLU B 344 -19.15 -5.78 -17.09
CA GLU B 344 -19.88 -4.51 -16.96
C GLU B 344 -20.72 -4.56 -15.68
N PRO B 345 -20.73 -3.46 -14.88
CA PRO B 345 -21.34 -3.50 -13.54
C PRO B 345 -22.75 -4.03 -13.49
N PHE B 346 -22.91 -4.91 -12.50
CA PHE B 346 -24.14 -5.62 -12.17
C PHE B 346 -24.50 -6.75 -13.17
N LYS B 347 -24.11 -6.64 -14.45
CA LYS B 347 -24.22 -7.80 -15.38
C LYS B 347 -23.37 -9.10 -14.98
N ASN B 348 -23.71 -9.76 -13.88
CA ASN B 348 -22.90 -10.87 -13.39
C ASN B 348 -22.65 -12.09 -14.26
N LEU B 349 -21.43 -12.58 -14.26
CA LEU B 349 -21.08 -13.78 -15.02
C LEU B 349 -21.01 -15.00 -14.15
N LYS B 350 -20.75 -14.83 -12.86
CA LYS B 350 -20.80 -15.89 -11.85
C LYS B 350 -20.95 -15.14 -10.56
N THR B 351 -21.76 -15.69 -9.67
CA THR B 351 -21.88 -15.16 -8.34
C THR B 351 -21.68 -16.35 -7.44
N GLY B 352 -21.21 -16.12 -6.21
CA GLY B 352 -20.84 -17.22 -5.35
C GLY B 352 -20.79 -16.84 -3.90
N LYS B 353 -20.18 -17.74 -3.13
CA LYS B 353 -20.19 -17.75 -1.70
C LYS B 353 -18.89 -18.34 -1.24
N TYR B 354 -18.45 -17.96 -0.04
CA TYR B 354 -17.40 -18.70 0.63
C TYR B 354 -17.57 -18.77 2.14
N ALA B 355 -17.27 -19.95 2.70
CA ALA B 355 -17.29 -20.29 4.16
C ALA B 355 -16.07 -21.13 4.64
N THR B 362 -10.13 -18.42 10.42
CA THR B 362 -10.56 -17.88 11.74
C THR B 362 -10.57 -16.29 11.93
N ASN B 363 -9.80 -15.48 11.14
CA ASN B 363 -9.94 -13.97 11.14
C ASN B 363 -10.20 -13.33 9.80
N ASP B 364 -10.84 -12.20 9.76
CA ASP B 364 -11.24 -11.61 8.48
C ASP B 364 -10.20 -11.66 7.31
N VAL B 365 -8.96 -11.31 7.61
CA VAL B 365 -8.02 -11.12 6.57
C VAL B 365 -7.67 -12.47 6.04
N LYS B 366 -7.49 -13.40 6.93
CA LYS B 366 -7.24 -14.77 6.50
C LYS B 366 -8.34 -15.22 5.52
N GLN B 367 -9.59 -15.09 5.96
CA GLN B 367 -10.78 -15.53 5.23
C GLN B 367 -10.83 -14.79 3.92
N LEU B 368 -10.58 -13.48 3.98
CA LEU B 368 -10.61 -12.74 2.77
C LEU B 368 -9.55 -13.26 1.78
N THR B 369 -8.35 -13.56 2.25
CA THR B 369 -7.32 -13.98 1.32
C THR B 369 -7.66 -15.35 0.85
N GLU B 370 -8.44 -16.10 1.59
CA GLU B 370 -8.80 -17.43 1.04
C GLU B 370 -9.78 -17.32 -0.09
N ALA B 371 -10.78 -16.49 0.10
CA ALA B 371 -11.81 -16.18 -0.92
C ALA B 371 -11.22 -15.66 -2.21
N VAL B 372 -10.28 -14.73 -2.02
CA VAL B 372 -9.51 -14.21 -3.12
C VAL B 372 -8.83 -15.34 -3.82
N GLN B 373 -8.24 -16.24 -3.12
CA GLN B 373 -7.55 -17.34 -3.91
C GLN B 373 -8.57 -18.26 -4.61
N LYS B 374 -9.67 -18.52 -3.91
CA LYS B 374 -10.71 -19.37 -4.45
C LYS B 374 -11.27 -18.77 -5.69
N ILE B 375 -11.62 -17.51 -5.58
CA ILE B 375 -12.35 -16.85 -6.68
C ILE B 375 -11.44 -16.75 -7.85
N THR B 376 -10.16 -16.47 -7.57
CA THR B 376 -9.20 -16.36 -8.66
C THR B 376 -9.01 -17.71 -9.33
N THR B 377 -9.02 -18.78 -8.53
CA THR B 377 -8.76 -20.12 -9.12
C THR B 377 -9.87 -20.44 -10.10
N GLU B 378 -11.11 -20.08 -9.75
CA GLU B 378 -12.25 -20.48 -10.57
C GLU B 378 -12.18 -19.67 -11.76
N SER B 379 -11.76 -18.45 -11.57
CA SER B 379 -11.80 -17.49 -12.62
C SER B 379 -10.87 -18.02 -13.70
N ILE B 380 -9.70 -18.53 -13.31
CA ILE B 380 -8.68 -19.09 -14.25
C ILE B 380 -9.24 -20.26 -15.00
N VAL B 381 -9.83 -21.21 -14.29
CA VAL B 381 -10.46 -22.36 -14.92
C VAL B 381 -11.49 -21.95 -15.96
N ILE B 382 -12.31 -20.99 -15.64
CA ILE B 382 -13.38 -20.60 -16.54
C ILE B 382 -12.94 -19.71 -17.71
N TRP B 383 -12.10 -18.71 -17.51
CA TRP B 383 -11.83 -17.73 -18.59
C TRP B 383 -10.38 -17.60 -18.97
N GLY B 384 -9.52 -18.27 -18.24
CA GLY B 384 -8.11 -18.22 -18.53
C GLY B 384 -7.58 -16.87 -18.12
N LYS B 385 -8.26 -16.20 -17.17
CA LYS B 385 -7.79 -14.90 -16.69
C LYS B 385 -8.25 -14.53 -15.30
N THR B 386 -7.41 -13.79 -14.61
CA THR B 386 -7.68 -13.49 -13.23
C THR B 386 -8.47 -12.18 -13.24
N PRO B 387 -9.35 -12.01 -12.23
CA PRO B 387 -10.13 -10.84 -12.08
C PRO B 387 -9.40 -9.81 -11.28
N LYS B 388 -9.77 -8.56 -11.49
CA LYS B 388 -9.38 -7.45 -10.67
C LYS B 388 -10.28 -7.43 -9.50
N PHE B 389 -9.76 -7.40 -8.28
CA PHE B 389 -10.63 -7.44 -7.09
C PHE B 389 -10.95 -6.07 -6.46
N LYS B 390 -12.18 -5.97 -5.97
CA LYS B 390 -12.65 -4.89 -5.19
C LYS B 390 -12.79 -5.35 -3.77
N LEU B 391 -11.76 -5.07 -2.99
CA LEU B 391 -11.62 -5.59 -1.66
C LEU B 391 -12.21 -4.66 -0.54
N PRO B 392 -13.07 -5.21 0.35
CA PRO B 392 -13.69 -4.45 1.46
C PRO B 392 -12.86 -4.41 2.68
N ILE B 393 -11.79 -3.64 2.61
CA ILE B 393 -10.78 -3.67 3.65
C ILE B 393 -9.91 -2.46 3.40
N GLN B 394 -9.27 -1.99 4.48
CA GLN B 394 -8.32 -0.88 4.47
C GLN B 394 -7.01 -1.39 3.84
N LYS B 395 -6.54 -0.58 2.91
CA LYS B 395 -5.42 -0.91 2.07
C LYS B 395 -4.27 -1.52 2.83
N GLU B 396 -4.04 -0.86 3.96
CA GLU B 396 -2.81 -1.00 4.71
C GLU B 396 -2.89 -2.25 5.55
N THR B 397 -4.05 -2.43 6.17
CA THR B 397 -4.38 -3.73 6.76
C THR B 397 -4.02 -4.85 5.78
N TRP B 398 -4.55 -4.69 4.57
CA TRP B 398 -4.38 -5.74 3.57
C TRP B 398 -2.92 -5.96 3.14
N GLU B 399 -2.21 -4.86 2.92
CA GLU B 399 -0.82 -4.95 2.48
C GLU B 399 0.08 -5.57 3.58
N THR B 400 -0.17 -5.17 4.80
CA THR B 400 0.49 -5.71 5.99
C THR B 400 0.28 -7.20 6.13
N TRP B 401 -0.93 -7.64 5.96
CA TRP B 401 -1.32 -8.94 6.37
C TRP B 401 -1.48 -9.95 5.25
N TRP B 402 -1.61 -9.52 4.00
CA TRP B 402 -2.01 -10.52 2.99
C TRP B 402 -1.02 -11.67 2.82
N THR B 403 0.27 -11.38 2.95
CA THR B 403 1.32 -12.38 2.62
C THR B 403 1.37 -13.51 3.60
N GLU B 404 0.78 -13.29 4.77
CA GLU B 404 0.76 -14.24 5.84
C GLU B 404 -0.02 -15.51 5.59
N TYR B 405 -1.09 -15.41 4.81
CA TYR B 405 -1.93 -16.60 4.57
C TYR B 405 -1.87 -16.95 3.12
N TRP B 406 -1.57 -15.98 2.23
CA TRP B 406 -1.44 -16.30 0.79
C TRP B 406 -0.59 -17.49 0.46
N GLN B 407 -1.02 -18.29 -0.51
CA GLN B 407 -0.45 -19.62 -0.77
C GLN B 407 -0.39 -19.95 -2.27
N ALA B 408 -0.81 -19.04 -3.12
CA ALA B 408 -0.72 -19.20 -4.57
C ALA B 408 0.55 -18.58 -5.00
N THR B 409 0.76 -18.65 -6.28
CA THR B 409 1.99 -18.27 -6.87
C THR B 409 1.76 -17.09 -7.79
N TRP B 410 0.49 -16.86 -8.16
CA TRP B 410 0.10 -15.62 -8.79
C TRP B 410 -0.37 -14.64 -7.74
N ILE B 411 -0.56 -13.39 -8.17
CA ILE B 411 -1.22 -12.36 -7.34
C ILE B 411 -2.13 -11.57 -8.32
N PRO B 412 -3.43 -11.54 -8.09
CA PRO B 412 -4.25 -10.80 -8.94
C PRO B 412 -4.15 -9.34 -8.61
N GLU B 413 -4.71 -8.53 -9.51
CA GLU B 413 -4.79 -7.12 -9.29
C GLU B 413 -5.95 -6.78 -8.40
N TRP B 414 -5.78 -5.71 -7.62
CA TRP B 414 -6.74 -5.37 -6.60
C TRP B 414 -6.79 -3.93 -6.20
N GLU B 415 -7.99 -3.48 -5.87
CA GLU B 415 -8.21 -2.17 -5.39
C GLU B 415 -9.09 -2.25 -4.15
N PHE B 416 -9.07 -1.18 -3.37
CA PHE B 416 -9.81 -1.13 -2.13
C PHE B 416 -11.03 -0.24 -2.24
N VAL B 417 -12.09 -0.66 -1.61
CA VAL B 417 -13.42 -0.20 -1.94
C VAL B 417 -14.22 -0.26 -0.69
N ASN B 418 -15.19 0.62 -0.54
CA ASN B 418 -16.13 0.52 0.58
C ASN B 418 -17.35 -0.20 0.08
N THR B 419 -17.73 -1.33 0.68
CA THR B 419 -18.95 -2.02 0.30
C THR B 419 -20.17 -1.14 0.58
N PRO B 420 -20.83 -0.61 -0.47
CA PRO B 420 -22.14 0.04 -0.27
C PRO B 420 -23.11 -0.91 0.45
N PRO B 421 -23.53 -0.58 1.68
CA PRO B 421 -24.28 -1.48 2.65
C PRO B 421 -25.54 -2.23 2.15
N LEU B 422 -26.20 -1.71 1.13
CA LEU B 422 -27.31 -2.42 0.53
C LEU B 422 -26.84 -3.63 -0.31
N VAL B 423 -25.83 -3.46 -1.16
CA VAL B 423 -25.40 -4.61 -1.99
C VAL B 423 -25.14 -5.78 -1.03
N LYS B 424 -24.55 -5.51 0.12
CA LYS B 424 -24.34 -6.54 1.14
C LYS B 424 -25.66 -7.30 1.35
N LEU B 425 -26.73 -6.55 1.48
CA LEU B 425 -28.02 -7.07 1.93
C LEU B 425 -28.72 -7.84 0.83
N TRP B 426 -28.58 -7.35 -0.38
CA TRP B 426 -29.18 -7.95 -1.55
C TRP B 426 -28.58 -9.31 -1.95
N TYR B 427 -27.39 -9.62 -1.44
CA TYR B 427 -26.85 -10.95 -1.57
C TYR B 427 -26.95 -11.69 -0.23
N GLN B 428 -28.08 -12.35 0.02
CA GLN B 428 -28.20 -13.36 1.10
C GLN B 428 -27.69 -12.73 2.39
C1 65B C . 25.15 3.86 13.76
O17 65B C . 24.85 2.57 13.40
C2 65B C . 24.33 4.92 13.48
C2' 65B C . 23.11 4.59 12.70
C3 65B C . 24.62 6.18 13.86
C4 65B C . 25.82 6.38 14.64
C5 65B C . 26.66 5.34 14.98
C6 65B C . 26.30 4.06 14.49
C6' 65B C . 27.15 2.83 14.75
C13 65B C . 24.33 1.80 14.39
N12 65B C . 24.21 2.11 15.70
C11 65B C . 23.67 1.24 16.55
N5 65B C . 23.52 1.54 17.92
N16 65B C . 23.23 0.08 16.10
C15 65B C . 23.34 -0.27 14.85
N18 65B C . 22.93 -1.50 14.37
C14 65B C . 23.90 0.62 13.97
C21 65B C . 24.11 2.63 18.51
C22 65B C . 24.56 3.75 17.77
C23 65B C . 25.12 4.84 18.42
C24 65B C . 25.27 4.80 19.80
C25 65B C . 24.82 3.66 20.51
C26 65B C . 24.23 2.58 19.89
C27 65B C . 25.84 5.90 20.58
N27 65B C . 26.28 6.71 21.27
C4' 65B C . 26.23 7.66 15.07
N4' 65B C . 26.54 8.72 15.41
BR 65B C . 24.12 0.31 12.14
#